data_7XPQ
#
_entry.id   7XPQ
#
_cell.length_a   65.873
_cell.length_b   84.945
_cell.length_c   73.436
_cell.angle_alpha   90.000
_cell.angle_beta   110.690
_cell.angle_gamma   90.000
#
_symmetry.space_group_name_H-M   'P 1 21 1'
#
loop_
_entity.id
_entity.type
_entity.pdbx_description
1 polymer 'UDP-glucose 4-epimerase'
2 non-polymer URIDINE-DIPHOSPHATE-N-ACETYLGLUCOSAMINE
3 non-polymer NICOTINAMIDE-ADENINE-DINUCLEOTIDE
4 water water
#
_entity_poly.entity_id   1
_entity_poly.type   'polypeptide(L)'
_entity_poly.pdbx_seq_one_letter_code
;MVSAVLRTILVTGGAGYIGSHTVLQLLQQGFRVVVVDNLDNASEAALARVAELAGHDGANLVFHKVDLRDRHALVDIFSS
HRFEAVIHFAGLKAVGESVHKPLLYYDNNLVGTITLLEVMAANGCKKLVFSSSATVYGWPKEVPCTEEFPLCATNPYGRT
KLVIEDICRDVHRSDPDWKIILLRYFNPVGAHPSGYIGEDPCGVPNNLMPYVQQVAVGRLPHLTVYGTDYSTKDGTGVRD
YIHVVDLADGHIAALRKLYEDSDKIGCEVYNLGTGKGTSVLEMVAAFEKASGKKIPLVFAGRRPGDAEIVYAATAKAEKE
LKWKAKYGIEEMCRDLWNWASKNPYGYAGSRDNSK
;
_entity_poly.pdbx_strand_id   A,B
#
# COMPACT_ATOMS: atom_id res chain seq x y z
N LEU A 6 9.10 30.81 -18.86
CA LEU A 6 9.82 29.63 -18.38
C LEU A 6 8.83 28.59 -17.85
N ARG A 7 9.08 27.33 -18.21
CA ARG A 7 8.30 26.20 -17.71
C ARG A 7 9.26 25.17 -17.14
N THR A 8 9.13 24.90 -15.84
CA THR A 8 10.05 24.04 -15.12
C THR A 8 9.33 22.78 -14.65
N ILE A 9 10.00 21.63 -14.79
CA ILE A 9 9.45 20.33 -14.45
C ILE A 9 10.37 19.67 -13.44
N LEU A 10 9.78 19.09 -12.40
CA LEU A 10 10.51 18.30 -11.42
C LEU A 10 10.43 16.83 -11.82
N VAL A 11 11.59 16.19 -11.93
CA VAL A 11 11.69 14.81 -12.40
C VAL A 11 12.41 14.00 -11.33
N THR A 12 11.67 13.18 -10.59
CA THR A 12 12.29 12.24 -9.66
C THR A 12 12.81 11.04 -10.42
N GLY A 13 13.93 10.49 -9.96
CA GLY A 13 14.51 9.35 -10.63
C GLY A 13 14.97 9.62 -12.05
N GLY A 14 15.26 10.88 -12.38
CA GLY A 14 15.61 11.23 -13.74
C GLY A 14 16.96 10.71 -14.19
N ALA A 15 17.80 10.26 -13.27
CA ALA A 15 19.09 9.68 -13.64
C ALA A 15 18.96 8.27 -14.20
N GLY A 16 17.80 7.62 -14.03
CA GLY A 16 17.61 6.24 -14.41
C GLY A 16 17.31 6.06 -15.89
N TYR A 17 16.90 4.84 -16.23
CA TYR A 17 16.77 4.43 -17.62
C TYR A 17 15.69 5.23 -18.33
N ILE A 18 14.44 5.10 -17.90
CA ILE A 18 13.35 5.80 -18.56
C ILE A 18 13.44 7.29 -18.28
N GLY A 19 13.85 7.67 -17.06
CA GLY A 19 13.88 9.07 -16.67
C GLY A 19 14.87 9.89 -17.47
N SER A 20 16.07 9.36 -17.71
CA SER A 20 17.08 10.10 -18.47
C SER A 20 16.60 10.39 -19.88
N HIS A 21 15.98 9.41 -20.54
CA HIS A 21 15.49 9.62 -21.89
C HIS A 21 14.37 10.65 -21.92
N THR A 22 13.52 10.65 -20.89
CA THR A 22 12.46 11.67 -20.80
C THR A 22 13.05 13.04 -20.52
N VAL A 23 14.08 13.11 -19.65
CA VAL A 23 14.71 14.38 -19.35
C VAL A 23 15.32 15.00 -20.61
N LEU A 24 15.92 14.17 -21.47
CA LEU A 24 16.49 14.69 -22.71
C LEU A 24 15.41 15.25 -23.62
N GLN A 25 14.29 14.54 -23.77
CA GLN A 25 13.20 15.05 -24.59
C GLN A 25 12.64 16.34 -24.00
N LEU A 26 12.55 16.41 -22.67
CA LEU A 26 12.07 17.63 -22.01
C LEU A 26 12.95 18.82 -22.37
N LEU A 27 14.27 18.65 -22.26
CA LEU A 27 15.19 19.74 -22.56
C LEU A 27 15.07 20.19 -24.02
N GLN A 28 14.85 19.24 -24.93
CA GLN A 28 14.74 19.60 -26.35
C GLN A 28 13.44 20.33 -26.66
N GLN A 29 12.41 20.12 -25.85
CA GLN A 29 11.14 20.82 -26.00
C GLN A 29 11.16 22.21 -25.39
N GLY A 30 12.26 22.60 -24.75
CA GLY A 30 12.36 23.91 -24.15
C GLY A 30 12.05 23.98 -22.67
N PHE A 31 11.77 22.84 -22.03
CA PHE A 31 11.50 22.82 -20.60
C PHE A 31 12.79 23.00 -19.81
N ARG A 32 12.67 23.64 -18.65
CA ARG A 32 13.71 23.56 -17.63
C ARG A 32 13.43 22.34 -16.76
N VAL A 33 14.48 21.58 -16.47
CA VAL A 33 14.35 20.30 -15.77
C VAL A 33 15.18 20.34 -14.51
N VAL A 34 14.54 20.02 -13.38
CA VAL A 34 15.21 19.77 -12.12
C VAL A 34 15.06 18.28 -11.83
N VAL A 35 16.18 17.58 -11.67
CA VAL A 35 16.17 16.15 -11.40
C VAL A 35 16.46 15.92 -9.92
N VAL A 36 15.68 15.05 -9.29
CA VAL A 36 15.93 14.58 -7.94
C VAL A 36 16.17 13.07 -8.01
N ASP A 37 17.33 12.63 -7.55
CA ASP A 37 17.72 11.23 -7.65
C ASP A 37 18.79 10.96 -6.61
N ASN A 38 18.66 9.86 -5.88
CA ASN A 38 19.66 9.50 -4.89
C ASN A 38 20.82 8.71 -5.49
N LEU A 39 20.79 8.44 -6.80
CA LEU A 39 21.84 7.71 -7.51
C LEU A 39 22.00 6.29 -6.95
N ASP A 40 20.93 5.75 -6.36
CA ASP A 40 21.01 4.41 -5.80
C ASP A 40 21.08 3.34 -6.88
N ASN A 41 20.42 3.56 -8.02
CA ASN A 41 20.50 2.64 -9.14
C ASN A 41 20.87 3.36 -10.44
N ALA A 42 21.61 4.46 -10.34
CA ALA A 42 22.06 5.18 -11.52
C ALA A 42 23.30 5.98 -11.16
N SER A 43 23.98 6.49 -12.20
CA SER A 43 25.18 7.28 -12.03
C SER A 43 24.95 8.68 -12.57
N GLU A 44 25.79 9.62 -12.14
CA GLU A 44 25.73 10.98 -12.67
C GLU A 44 25.99 11.00 -14.16
N ALA A 45 26.75 10.02 -14.67
CA ALA A 45 27.15 10.03 -16.07
C ALA A 45 25.95 10.06 -17.00
N ALA A 46 24.88 9.34 -16.64
CA ALA A 46 23.69 9.33 -17.48
C ALA A 46 23.13 10.74 -17.63
N LEU A 47 23.15 11.53 -16.56
CA LEU A 47 22.64 12.89 -16.63
C LEU A 47 23.60 13.82 -17.35
N ALA A 48 24.90 13.66 -17.15
CA ALA A 48 25.87 14.49 -17.85
C ALA A 48 25.78 14.29 -19.36
N ARG A 49 25.63 13.03 -19.80
CA ARG A 49 25.50 12.76 -21.22
C ARG A 49 24.18 13.27 -21.80
N VAL A 50 23.10 13.24 -21.00
CA VAL A 50 21.86 13.87 -21.42
C VAL A 50 22.07 15.37 -21.62
N ALA A 51 22.79 16.00 -20.69
CA ALA A 51 23.10 17.42 -20.82
C ALA A 51 23.90 17.69 -22.09
N GLU A 52 24.82 16.78 -22.43
CA GLU A 52 25.60 16.94 -23.65
C GLU A 52 24.74 16.77 -24.89
N LEU A 53 23.87 15.75 -24.89
CA LEU A 53 22.97 15.54 -26.02
C LEU A 53 22.01 16.70 -26.20
N ALA A 54 21.67 17.40 -25.11
CA ALA A 54 20.77 18.54 -25.19
C ALA A 54 21.36 19.72 -25.91
N GLY A 55 22.65 19.67 -26.26
CA GLY A 55 23.26 20.73 -27.01
C GLY A 55 23.23 22.04 -26.24
N HIS A 56 22.59 23.05 -26.83
CA HIS A 56 22.53 24.35 -26.19
C HIS A 56 21.67 24.31 -24.92
N ASP A 57 20.67 23.43 -24.88
CA ASP A 57 19.76 23.31 -23.75
C ASP A 57 20.32 22.50 -22.59
N GLY A 58 21.62 22.15 -22.62
CA GLY A 58 22.18 21.36 -21.54
C GLY A 58 22.18 22.08 -20.21
N ALA A 59 22.35 23.40 -20.22
CA ALA A 59 22.38 24.17 -18.99
C ALA A 59 21.01 24.28 -18.32
N ASN A 60 19.94 23.89 -19.00
CA ASN A 60 18.61 23.92 -18.39
C ASN A 60 18.33 22.69 -17.53
N LEU A 61 19.31 21.82 -17.33
CA LEU A 61 19.19 20.66 -16.45
C LEU A 61 20.02 20.92 -15.19
N VAL A 62 19.35 20.88 -14.03
CA VAL A 62 20.00 20.98 -12.73
C VAL A 62 19.74 19.70 -11.97
N PHE A 63 20.79 19.11 -11.41
CA PHE A 63 20.68 17.83 -10.69
C PHE A 63 20.81 18.06 -9.20
N HIS A 64 19.87 17.50 -8.44
CA HIS A 64 19.90 17.51 -6.98
C HIS A 64 20.00 16.06 -6.50
N LYS A 65 21.10 15.73 -5.83
CA LYS A 65 21.29 14.38 -5.29
C LYS A 65 20.58 14.31 -3.94
N VAL A 66 19.29 13.97 -3.98
CA VAL A 66 18.43 13.98 -2.81
C VAL A 66 17.55 12.74 -2.85
N ASP A 67 17.31 12.17 -1.67
CA ASP A 67 16.34 11.08 -1.52
C ASP A 67 14.97 11.67 -1.25
N LEU A 68 13.95 11.11 -1.93
CA LEU A 68 12.59 11.61 -1.75
C LEU A 68 12.12 11.50 -0.30
N ARG A 69 12.67 10.55 0.46
CA ARG A 69 12.32 10.41 1.87
C ARG A 69 12.95 11.49 2.74
N ASP A 70 13.93 12.23 2.21
CA ASP A 70 14.57 13.34 2.91
C ASP A 70 13.64 14.54 2.81
N ARG A 71 12.79 14.70 3.83
CA ARG A 71 11.71 15.69 3.76
C ARG A 71 12.25 17.12 3.72
N HIS A 72 13.27 17.42 4.53
CA HIS A 72 13.76 18.79 4.60
C HIS A 72 14.49 19.18 3.32
N ALA A 73 15.31 18.29 2.77
CA ALA A 73 15.95 18.58 1.49
C ALA A 73 14.92 18.74 0.37
N LEU A 74 13.79 18.04 0.47
CA LEU A 74 12.79 18.14 -0.58
C LEU A 74 11.98 19.42 -0.47
N VAL A 75 11.68 19.86 0.75
CA VAL A 75 10.99 21.13 0.94
C VAL A 75 11.85 22.29 0.44
N ASP A 76 13.17 22.21 0.67
CA ASP A 76 14.06 23.25 0.17
C ASP A 76 13.96 23.39 -1.35
N ILE A 77 13.83 22.26 -2.06
CA ILE A 77 13.73 22.30 -3.51
C ILE A 77 12.40 22.91 -3.95
N PHE A 78 11.29 22.46 -3.33
CA PHE A 78 9.97 22.92 -3.75
C PHE A 78 9.71 24.37 -3.38
N SER A 79 10.20 24.81 -2.22
CA SER A 79 9.99 26.19 -1.79
C SER A 79 10.88 27.18 -2.52
N SER A 80 11.91 26.70 -3.22
CA SER A 80 12.79 27.57 -3.99
C SER A 80 12.61 27.37 -5.49
N HIS A 81 11.48 26.82 -5.91
CA HIS A 81 11.18 26.63 -7.33
C HIS A 81 9.69 26.81 -7.56
N ARG A 82 9.36 27.13 -8.81
CA ARG A 82 7.97 27.14 -9.29
C ARG A 82 7.86 26.00 -10.30
N PHE A 83 7.26 24.89 -9.87
CA PHE A 83 7.19 23.68 -10.68
C PHE A 83 5.81 23.58 -11.33
N GLU A 84 5.80 23.48 -12.66
CA GLU A 84 4.54 23.29 -13.38
C GLU A 84 3.96 21.92 -13.11
N ALA A 85 4.81 20.90 -12.98
CA ALA A 85 4.35 19.54 -12.76
C ALA A 85 5.53 18.71 -12.26
N VAL A 86 5.22 17.51 -11.79
CA VAL A 86 6.20 16.56 -11.28
C VAL A 86 6.03 15.26 -12.05
N ILE A 87 7.13 14.74 -12.59
CA ILE A 87 7.16 13.40 -13.18
C ILE A 87 7.93 12.49 -12.23
N HIS A 88 7.26 11.46 -11.74
CA HIS A 88 7.74 10.66 -10.61
C HIS A 88 8.18 9.29 -11.12
N PHE A 89 9.44 9.20 -11.56
CA PHE A 89 10.05 7.93 -11.96
C PHE A 89 10.69 7.18 -10.80
N ALA A 90 11.05 7.86 -9.72
CA ALA A 90 11.91 7.26 -8.71
C ALA A 90 11.28 6.03 -8.08
N GLY A 91 12.11 5.06 -7.74
CA GLY A 91 11.68 3.87 -7.03
C GLY A 91 12.53 2.67 -7.38
N LEU A 92 12.43 1.64 -6.55
CA LEU A 92 13.06 0.35 -6.81
C LEU A 92 12.11 -0.53 -7.63
N LYS A 93 12.69 -1.37 -8.49
CA LYS A 93 11.90 -2.04 -9.52
C LYS A 93 12.27 -3.50 -9.76
N ALA A 94 13.19 -4.08 -9.00
CA ALA A 94 13.59 -5.46 -9.25
C ALA A 94 12.63 -6.39 -8.53
N VAL A 95 11.90 -7.22 -9.30
CA VAL A 95 10.89 -8.09 -8.72
C VAL A 95 11.54 -9.10 -7.77
N GLY A 96 12.67 -9.68 -8.17
CA GLY A 96 13.32 -10.67 -7.31
C GLY A 96 13.78 -10.08 -5.99
N GLU A 97 14.44 -8.92 -6.05
CA GLU A 97 14.89 -8.28 -4.83
C GLU A 97 13.73 -7.89 -3.93
N SER A 98 12.58 -7.55 -4.52
CA SER A 98 11.43 -7.12 -3.73
C SER A 98 10.86 -8.27 -2.91
N VAL A 99 10.89 -9.49 -3.45
CA VAL A 99 10.41 -10.64 -2.69
C VAL A 99 11.34 -10.92 -1.52
N HIS A 100 12.65 -10.74 -1.70
CA HIS A 100 13.62 -11.06 -0.68
C HIS A 100 13.81 -9.94 0.34
N LYS A 101 13.56 -8.69 -0.04
CA LYS A 101 13.69 -7.54 0.87
C LYS A 101 12.47 -6.63 0.72
N PRO A 102 11.28 -7.13 1.10
CA PRO A 102 10.07 -6.34 0.88
C PRO A 102 10.04 -5.01 1.60
N LEU A 103 10.55 -4.96 2.84
CA LEU A 103 10.50 -3.71 3.59
C LEU A 103 11.32 -2.62 2.92
N LEU A 104 12.46 -2.99 2.33
CA LEU A 104 13.22 -2.02 1.54
C LEU A 104 12.36 -1.42 0.44
N TYR A 105 11.56 -2.26 -0.23
CA TYR A 105 10.74 -1.78 -1.33
C TYR A 105 9.53 -0.98 -0.84
N TYR A 106 8.85 -1.47 0.20
CA TYR A 106 7.75 -0.70 0.78
C TYR A 106 8.25 0.63 1.33
N ASP A 107 9.41 0.62 1.99
CA ASP A 107 9.95 1.87 2.54
C ASP A 107 10.28 2.85 1.42
N ASN A 108 11.13 2.44 0.47
CA ASN A 108 11.62 3.38 -0.53
C ASN A 108 10.47 3.89 -1.41
N ASN A 109 9.62 2.99 -1.88
CA ASN A 109 8.60 3.38 -2.84
C ASN A 109 7.41 4.08 -2.17
N LEU A 110 6.92 3.54 -1.06
CA LEU A 110 5.74 4.13 -0.43
C LEU A 110 6.09 5.38 0.37
N VAL A 111 7.06 5.28 1.29
CA VAL A 111 7.41 6.44 2.11
C VAL A 111 7.95 7.57 1.23
N GLY A 112 8.72 7.22 0.19
CA GLY A 112 9.19 8.24 -0.72
C GLY A 112 8.06 8.94 -1.45
N THR A 113 7.07 8.16 -1.93
CA THR A 113 5.95 8.76 -2.66
C THR A 113 5.06 9.56 -1.73
N ILE A 114 4.75 9.01 -0.55
CA ILE A 114 3.91 9.73 0.41
C ILE A 114 4.57 11.06 0.78
N THR A 115 5.88 11.03 1.05
CA THR A 115 6.60 12.26 1.36
C THR A 115 6.53 13.24 0.20
N LEU A 116 6.76 12.77 -1.02
CA LEU A 116 6.71 13.65 -2.19
C LEU A 116 5.33 14.28 -2.33
N LEU A 117 4.28 13.49 -2.19
CA LEU A 117 2.92 14.02 -2.38
C LEU A 117 2.59 15.07 -1.32
N GLU A 118 3.06 14.88 -0.09
CA GLU A 118 2.82 15.86 0.96
C GLU A 118 3.56 17.16 0.69
N VAL A 119 4.84 17.07 0.33
CA VAL A 119 5.62 18.26 0.03
C VAL A 119 5.02 18.99 -1.17
N MET A 120 4.55 18.24 -2.17
CA MET A 120 3.91 18.85 -3.32
C MET A 120 2.67 19.64 -2.91
N ALA A 121 1.80 19.02 -2.11
CA ALA A 121 0.56 19.68 -1.71
C ALA A 121 0.83 20.89 -0.82
N ALA A 122 1.88 20.84 0.00
CA ALA A 122 2.21 21.95 0.87
C ALA A 122 2.84 23.12 0.13
N ASN A 123 3.38 22.89 -1.07
CA ASN A 123 4.04 23.93 -1.84
C ASN A 123 3.29 24.23 -3.14
N GLY A 124 1.98 23.97 -3.15
CA GLY A 124 1.12 24.44 -4.21
C GLY A 124 1.30 23.78 -5.57
N CYS A 125 2.12 22.74 -5.67
CA CYS A 125 2.28 22.01 -6.92
C CYS A 125 1.50 20.71 -6.82
N LYS A 126 0.36 20.65 -7.51
CA LYS A 126 -0.52 19.49 -7.45
C LYS A 126 -0.78 18.95 -8.84
N LYS A 127 0.26 18.88 -9.66
CA LYS A 127 0.21 18.25 -10.98
C LYS A 127 1.29 17.17 -11.02
N LEU A 128 0.88 15.93 -11.27
CA LEU A 128 1.75 14.79 -11.11
C LEU A 128 1.57 13.83 -12.28
N VAL A 129 2.69 13.25 -12.71
CA VAL A 129 2.70 12.15 -13.68
C VAL A 129 3.49 11.03 -13.04
N PHE A 130 2.85 9.87 -12.90
CA PHE A 130 3.43 8.76 -12.15
C PHE A 130 3.77 7.60 -13.06
N SER A 131 4.91 6.98 -12.79
CA SER A 131 5.37 5.79 -13.51
C SER A 131 4.70 4.57 -12.91
N SER A 132 3.58 4.17 -13.50
CA SER A 132 2.97 2.90 -13.15
C SER A 132 3.44 1.84 -14.14
N SER A 133 2.82 0.67 -14.12
CA SER A 133 3.30 -0.45 -14.91
C SER A 133 2.15 -1.38 -15.26
N ALA A 134 2.30 -2.05 -16.41
CA ALA A 134 1.30 -3.04 -16.84
C ALA A 134 1.32 -4.28 -15.96
N THR A 135 2.25 -4.38 -15.01
CA THR A 135 2.24 -5.49 -14.06
C THR A 135 0.98 -5.50 -13.21
N VAL A 136 0.31 -4.35 -13.06
CA VAL A 136 -0.88 -4.30 -12.22
C VAL A 136 -2.03 -5.07 -12.85
N TYR A 137 -1.95 -5.40 -14.13
CA TYR A 137 -2.93 -6.27 -14.76
C TYR A 137 -2.75 -7.73 -14.41
N GLY A 138 -1.71 -8.06 -13.62
CA GLY A 138 -1.49 -9.43 -13.20
C GLY A 138 -1.33 -10.37 -14.38
N TRP A 139 -1.93 -11.55 -14.26
CA TRP A 139 -2.04 -12.48 -15.37
C TRP A 139 -3.39 -12.26 -16.05
N PRO A 140 -3.44 -11.46 -17.11
CA PRO A 140 -4.73 -11.05 -17.66
C PRO A 140 -5.48 -12.21 -18.31
N LYS A 141 -6.80 -12.17 -18.18
CA LYS A 141 -7.64 -13.19 -18.77
C LYS A 141 -7.86 -12.98 -20.26
N GLU A 142 -7.67 -11.76 -20.75
CA GLU A 142 -7.84 -11.46 -22.18
C GLU A 142 -6.84 -10.39 -22.58
N VAL A 143 -6.61 -10.29 -23.89
CA VAL A 143 -5.77 -9.24 -24.46
C VAL A 143 -6.50 -8.63 -25.65
N PRO A 144 -6.27 -7.35 -25.98
CA PRO A 144 -5.38 -6.41 -25.30
C PRO A 144 -5.94 -5.90 -23.98
N CYS A 145 -5.07 -5.43 -23.09
CA CYS A 145 -5.48 -4.99 -21.76
C CYS A 145 -5.91 -3.53 -21.81
N THR A 146 -7.17 -3.27 -21.49
CA THR A 146 -7.65 -1.91 -21.35
C THR A 146 -7.38 -1.41 -19.94
N GLU A 147 -7.43 -0.08 -19.78
CA GLU A 147 -7.22 0.53 -18.48
C GLU A 147 -8.28 0.15 -17.45
N GLU A 148 -9.39 -0.46 -17.88
CA GLU A 148 -10.45 -0.88 -16.99
C GLU A 148 -10.33 -2.34 -16.56
N PHE A 149 -9.27 -3.03 -16.96
CA PHE A 149 -9.09 -4.42 -16.57
C PHE A 149 -8.90 -4.53 -15.07
N PRO A 150 -9.32 -5.65 -14.47
CA PRO A 150 -9.11 -5.85 -13.03
C PRO A 150 -7.63 -5.74 -12.68
N LEU A 151 -7.36 -5.17 -11.50
CA LEU A 151 -6.01 -4.90 -11.04
C LEU A 151 -5.63 -5.83 -9.92
N CYS A 152 -4.37 -6.26 -9.90
CA CYS A 152 -3.85 -7.10 -8.84
C CYS A 152 -2.33 -7.07 -8.92
N ALA A 153 -1.69 -7.57 -7.87
CA ALA A 153 -0.24 -7.62 -7.79
C ALA A 153 0.19 -8.98 -7.26
N THR A 154 1.32 -9.46 -7.77
CA THR A 154 1.82 -10.78 -7.44
C THR A 154 3.16 -10.77 -6.73
N ASN A 155 3.70 -9.59 -6.42
CA ASN A 155 4.99 -9.47 -5.75
C ASN A 155 5.03 -8.12 -5.05
N PRO A 156 5.93 -7.95 -4.08
CA PRO A 156 5.97 -6.66 -3.35
C PRO A 156 6.18 -5.45 -4.26
N TYR A 157 7.04 -5.57 -5.27
CA TYR A 157 7.25 -4.47 -6.20
C TYR A 157 5.94 -4.06 -6.87
N GLY A 158 5.27 -5.02 -7.50
CA GLY A 158 4.00 -4.72 -8.11
C GLY A 158 2.97 -4.22 -7.12
N ARG A 159 3.07 -4.65 -5.87
CA ARG A 159 2.15 -4.15 -4.85
C ARG A 159 2.36 -2.66 -4.60
N THR A 160 3.62 -2.21 -4.56
CA THR A 160 3.86 -0.78 -4.33
C THR A 160 3.30 0.07 -5.46
N LYS A 161 3.34 -0.43 -6.70
CA LYS A 161 2.79 0.33 -7.82
C LYS A 161 1.28 0.45 -7.71
N LEU A 162 0.60 -0.65 -7.41
CA LEU A 162 -0.86 -0.63 -7.29
C LEU A 162 -1.31 0.22 -6.11
N VAL A 163 -0.55 0.20 -5.00
CA VAL A 163 -0.91 0.99 -3.83
C VAL A 163 -0.73 2.48 -4.10
N ILE A 164 0.38 2.85 -4.74
CA ILE A 164 0.59 4.26 -5.07
C ILE A 164 -0.52 4.77 -5.97
N GLU A 165 -0.93 3.97 -6.95
CA GLU A 165 -2.08 4.32 -7.78
C GLU A 165 -3.31 4.63 -6.92
N ASP A 166 -3.63 3.72 -5.99
CA ASP A 166 -4.78 3.93 -5.12
C ASP A 166 -4.60 5.17 -4.25
N ILE A 167 -3.38 5.42 -3.78
CA ILE A 167 -3.12 6.64 -3.01
C ILE A 167 -3.38 7.87 -3.87
N CYS A 168 -2.94 7.84 -5.14
CA CYS A 168 -3.17 8.97 -6.02
C CYS A 168 -4.66 9.17 -6.28
N ARG A 169 -5.42 8.08 -6.43
CA ARG A 169 -6.86 8.20 -6.64
C ARG A 169 -7.55 8.75 -5.40
N ASP A 170 -7.15 8.28 -4.22
CA ASP A 170 -7.74 8.80 -2.98
C ASP A 170 -7.38 10.27 -2.79
N VAL A 171 -6.16 10.66 -3.13
CA VAL A 171 -5.73 12.04 -2.98
C VAL A 171 -6.59 12.97 -3.82
N HIS A 172 -6.85 12.57 -5.07
CA HIS A 172 -7.67 13.41 -5.98
C HIS A 172 -9.10 13.46 -5.45
N ARG A 173 -9.58 12.32 -4.98
CA ARG A 173 -10.93 12.27 -4.43
C ARG A 173 -11.12 13.29 -3.31
N SER A 174 -10.07 13.54 -2.52
CA SER A 174 -10.16 14.45 -1.40
C SER A 174 -9.89 15.90 -1.76
N ASP A 175 -9.28 16.16 -2.91
CA ASP A 175 -8.86 17.50 -3.29
C ASP A 175 -8.95 17.61 -4.80
N PRO A 176 -10.00 18.23 -5.33
CA PRO A 176 -10.15 18.34 -6.79
C PRO A 176 -9.10 19.22 -7.46
N ASP A 177 -8.32 19.98 -6.69
CA ASP A 177 -7.22 20.74 -7.29
C ASP A 177 -6.12 19.83 -7.84
N TRP A 178 -6.06 18.58 -7.40
CA TRP A 178 -5.05 17.65 -7.87
C TRP A 178 -5.38 17.19 -9.29
N LYS A 179 -4.37 17.24 -10.17
CA LYS A 179 -4.45 16.70 -11.52
C LYS A 179 -3.34 15.66 -11.64
N ILE A 180 -3.73 14.41 -11.82
CA ILE A 180 -2.79 13.29 -11.79
C ILE A 180 -3.03 12.41 -13.00
N ILE A 181 -1.96 12.11 -13.73
CA ILE A 181 -2.01 11.17 -14.84
C ILE A 181 -1.13 9.98 -14.48
N LEU A 182 -1.72 8.78 -14.47
CA LEU A 182 -1.00 7.54 -14.20
C LEU A 182 -0.68 6.87 -15.52
N LEU A 183 0.60 6.58 -15.76
CA LEU A 183 1.06 5.99 -17.00
C LEU A 183 1.50 4.56 -16.74
N ARG A 184 0.75 3.61 -17.29
CA ARG A 184 1.08 2.20 -17.14
C ARG A 184 2.00 1.81 -18.29
N TYR A 185 3.30 1.84 -18.03
CA TYR A 185 4.25 1.40 -19.04
C TYR A 185 4.09 -0.09 -19.28
N PHE A 186 4.41 -0.52 -20.50
CA PHE A 186 4.54 -1.93 -20.81
C PHE A 186 6.02 -2.30 -20.79
N ASN A 187 6.59 -2.91 -21.82
CA ASN A 187 7.99 -3.32 -21.72
C ASN A 187 8.88 -2.40 -22.53
N PRO A 188 9.58 -1.45 -21.90
CA PRO A 188 10.49 -0.59 -22.66
C PRO A 188 11.74 -1.32 -23.07
N VAL A 189 12.16 -1.13 -24.32
CA VAL A 189 13.43 -1.62 -24.80
C VAL A 189 14.09 -0.52 -25.64
N GLY A 190 15.40 -0.65 -25.81
CA GLY A 190 16.14 0.22 -26.69
C GLY A 190 16.80 1.37 -25.95
N ALA A 191 17.28 2.32 -26.76
CA ALA A 191 18.04 3.45 -26.26
C ALA A 191 17.91 4.59 -27.26
N HIS A 192 18.39 5.76 -26.86
CA HIS A 192 18.44 6.89 -27.77
C HIS A 192 19.22 6.51 -29.03
N PRO A 193 18.74 6.88 -30.22
CA PRO A 193 19.37 6.41 -31.46
C PRO A 193 20.82 6.85 -31.62
N SER A 194 21.31 7.80 -30.82
CA SER A 194 22.71 8.18 -30.87
C SER A 194 23.62 7.10 -30.32
N GLY A 195 23.08 6.18 -29.52
CA GLY A 195 23.88 5.21 -28.80
C GLY A 195 24.69 5.77 -27.66
N TYR A 196 24.49 7.05 -27.30
CA TYR A 196 25.29 7.68 -26.26
C TYR A 196 24.73 7.41 -24.87
N ILE A 197 23.41 7.32 -24.72
CA ILE A 197 22.77 6.94 -23.48
C ILE A 197 21.98 5.66 -23.70
N GLY A 198 21.68 4.96 -22.62
CA GLY A 198 20.87 3.77 -22.69
C GLY A 198 20.69 3.15 -21.32
N GLU A 199 20.12 1.95 -21.31
CA GLU A 199 19.95 1.21 -20.06
C GLU A 199 21.27 0.58 -19.65
N ASP A 200 21.68 0.87 -18.41
CA ASP A 200 22.92 0.34 -17.84
C ASP A 200 22.55 -0.41 -16.57
N PRO A 201 22.13 -1.67 -16.69
CA PRO A 201 21.70 -2.43 -15.51
C PRO A 201 22.88 -2.92 -14.70
N CYS A 202 22.64 -3.04 -13.39
CA CYS A 202 23.61 -3.57 -12.45
C CYS A 202 23.49 -5.09 -12.39
N GLY A 203 24.63 -5.74 -12.15
CA GLY A 203 24.67 -7.18 -12.03
C GLY A 203 24.16 -7.88 -13.29
N VAL A 204 23.58 -9.06 -13.08
CA VAL A 204 22.97 -9.84 -14.15
C VAL A 204 21.59 -9.26 -14.42
N PRO A 205 21.31 -8.76 -15.62
CA PRO A 205 20.01 -8.12 -15.87
C PRO A 205 18.88 -9.14 -15.79
N ASN A 206 17.72 -8.66 -15.35
CA ASN A 206 16.53 -9.50 -15.21
C ASN A 206 15.62 -9.41 -16.42
N ASN A 207 15.59 -8.27 -17.11
CA ASN A 207 14.78 -8.12 -18.30
C ASN A 207 15.42 -8.82 -19.49
N LEU A 208 14.58 -9.14 -20.48
CA LEU A 208 15.02 -9.94 -21.62
C LEU A 208 16.08 -9.21 -22.44
N MET A 209 15.73 -8.06 -22.99
CA MET A 209 16.58 -7.43 -24.00
C MET A 209 17.91 -6.93 -23.45
N PRO A 210 18.02 -6.45 -22.21
CA PRO A 210 19.36 -6.20 -21.66
C PRO A 210 20.17 -7.47 -21.47
N TYR A 211 19.52 -8.63 -21.28
CA TYR A 211 20.27 -9.88 -21.20
C TYR A 211 20.76 -10.32 -22.58
N VAL A 212 19.87 -10.31 -23.57
CA VAL A 212 20.27 -10.64 -24.94
C VAL A 212 21.39 -9.72 -25.38
N GLN A 213 21.31 -8.45 -25.00
CA GLN A 213 22.33 -7.46 -25.31
C GLN A 213 23.72 -7.94 -24.85
N GLN A 214 23.82 -8.37 -23.59
CA GLN A 214 25.11 -8.77 -23.06
C GLN A 214 25.59 -10.09 -23.65
N VAL A 215 24.67 -10.93 -24.14
CA VAL A 215 25.08 -12.12 -24.87
C VAL A 215 25.70 -11.71 -26.21
N ALA A 216 25.13 -10.69 -26.85
CA ALA A 216 25.57 -10.31 -28.19
C ALA A 216 26.98 -9.72 -28.18
N VAL A 217 27.36 -9.05 -27.08
CA VAL A 217 28.70 -8.47 -26.98
C VAL A 217 29.68 -9.41 -26.27
N GLY A 218 29.26 -10.65 -25.98
CA GLY A 218 30.17 -11.65 -25.47
C GLY A 218 30.34 -11.67 -23.97
N ARG A 219 29.60 -10.87 -23.22
CA ARG A 219 29.77 -10.85 -21.76
C ARG A 219 29.10 -12.03 -21.07
N LEU A 220 28.05 -12.57 -21.66
CA LEU A 220 27.34 -13.73 -21.15
C LEU A 220 27.21 -14.77 -22.26
N PRO A 221 27.24 -16.05 -21.91
CA PRO A 221 27.39 -17.11 -22.93
C PRO A 221 26.12 -17.42 -23.71
N HIS A 222 24.95 -17.30 -23.08
CA HIS A 222 23.72 -17.68 -23.75
C HIS A 222 22.53 -17.08 -23.02
N LEU A 223 21.43 -16.95 -23.76
CA LEU A 223 20.15 -16.56 -23.19
C LEU A 223 19.38 -17.80 -22.76
N THR A 224 18.85 -17.78 -21.54
CA THR A 224 17.96 -18.84 -21.08
C THR A 224 16.53 -18.46 -21.40
N VAL A 225 15.85 -19.31 -22.17
CA VAL A 225 14.44 -19.08 -22.49
C VAL A 225 13.59 -19.67 -21.36
N TYR A 226 12.73 -18.84 -20.77
CA TYR A 226 11.95 -19.23 -19.60
C TYR A 226 10.63 -19.81 -20.06
N GLY A 227 10.60 -21.12 -20.29
CA GLY A 227 9.37 -21.79 -20.64
C GLY A 227 9.02 -21.73 -22.12
N THR A 228 8.69 -22.88 -22.70
CA THR A 228 8.32 -22.97 -24.11
C THR A 228 6.97 -23.65 -24.31
N ASP A 229 6.22 -23.91 -23.24
CA ASP A 229 4.96 -24.63 -23.31
C ASP A 229 3.75 -23.72 -23.13
N TYR A 230 3.93 -22.40 -23.34
CA TYR A 230 2.80 -21.50 -23.28
C TYR A 230 1.90 -21.68 -24.49
N SER A 231 0.68 -21.14 -24.40
CA SER A 231 -0.30 -21.20 -25.48
C SER A 231 -0.11 -20.08 -26.50
N THR A 232 1.13 -19.75 -26.82
CA THR A 232 1.42 -18.72 -27.80
C THR A 232 1.81 -19.39 -29.12
N LYS A 233 2.20 -18.57 -30.10
CA LYS A 233 2.59 -19.09 -31.41
C LYS A 233 3.71 -20.12 -31.28
N ASP A 234 4.80 -19.76 -30.59
CA ASP A 234 5.97 -20.62 -30.48
C ASP A 234 6.19 -21.13 -29.07
N GLY A 235 5.23 -20.91 -28.17
CA GLY A 235 5.34 -21.40 -26.81
C GLY A 235 6.04 -20.48 -25.84
N THR A 236 6.71 -19.44 -26.32
CA THR A 236 7.38 -18.50 -25.44
C THR A 236 6.44 -17.35 -25.09
N GLY A 237 6.78 -16.65 -24.01
CA GLY A 237 5.95 -15.53 -23.57
C GLY A 237 5.90 -14.42 -24.60
N VAL A 238 4.78 -13.70 -24.60
CA VAL A 238 4.52 -12.63 -25.55
C VAL A 238 4.33 -11.34 -24.75
N ARG A 239 4.95 -10.25 -25.20
CA ARG A 239 4.94 -9.00 -24.46
C ARG A 239 4.75 -7.83 -25.42
N ASP A 240 4.40 -6.68 -24.84
CA ASP A 240 4.27 -5.43 -25.58
C ASP A 240 5.57 -4.65 -25.38
N TYR A 241 6.44 -4.68 -26.38
CA TYR A 241 7.73 -4.01 -26.32
C TYR A 241 7.62 -2.64 -26.96
N ILE A 242 7.98 -1.60 -26.22
CA ILE A 242 7.84 -0.23 -26.65
C ILE A 242 9.19 0.45 -26.56
N HIS A 243 9.52 1.26 -27.57
CA HIS A 243 10.79 1.98 -27.57
C HIS A 243 10.82 2.98 -26.42
N VAL A 244 11.95 3.03 -25.71
CA VAL A 244 12.04 3.92 -24.55
C VAL A 244 11.89 5.37 -24.98
N VAL A 245 12.31 5.71 -26.19
CA VAL A 245 12.08 7.07 -26.69
C VAL A 245 10.59 7.33 -26.86
N ASP A 246 9.84 6.31 -27.31
CA ASP A 246 8.39 6.44 -27.36
C ASP A 246 7.80 6.60 -25.97
N LEU A 247 8.32 5.87 -24.99
CA LEU A 247 7.86 6.04 -23.62
C LEU A 247 8.11 7.46 -23.13
N ALA A 248 9.24 8.04 -23.50
CA ALA A 248 9.55 9.41 -23.10
C ALA A 248 8.55 10.39 -23.71
N ASP A 249 8.25 10.23 -25.00
CA ASP A 249 7.30 11.12 -25.65
C ASP A 249 5.90 10.99 -25.06
N GLY A 250 5.56 9.82 -24.51
CA GLY A 250 4.30 9.69 -23.81
C GLY A 250 4.20 10.66 -22.63
N HIS A 251 5.32 10.91 -21.96
CA HIS A 251 5.34 11.84 -20.84
C HIS A 251 5.21 13.29 -21.31
N ILE A 252 5.82 13.62 -22.45
CA ILE A 252 5.61 14.94 -23.05
C ILE A 252 4.13 15.14 -23.34
N ALA A 253 3.48 14.11 -23.91
CA ALA A 253 2.05 14.19 -24.18
C ALA A 253 1.23 14.27 -22.90
N ALA A 254 1.73 13.68 -21.81
CA ALA A 254 1.03 13.79 -20.53
C ALA A 254 1.10 15.22 -19.98
N LEU A 255 2.26 15.85 -20.11
CA LEU A 255 2.39 17.26 -19.72
C LEU A 255 1.49 18.14 -20.58
N ARG A 256 1.47 17.89 -21.89
CA ARG A 256 0.60 18.65 -22.78
C ARG A 256 -0.86 18.48 -22.41
N LYS A 257 -1.24 17.29 -21.95
CA LYS A 257 -2.60 17.07 -21.47
C LYS A 257 -2.88 17.90 -20.21
N LEU A 258 -1.94 17.92 -19.28
CA LEU A 258 -2.11 18.69 -18.04
C LEU A 258 -2.04 20.19 -18.27
N TYR A 259 -1.46 20.62 -19.38
CA TYR A 259 -1.25 22.04 -19.64
C TYR A 259 -2.33 22.67 -20.50
N GLU A 260 -2.95 21.89 -21.39
CA GLU A 260 -3.92 22.42 -22.33
C GLU A 260 -5.34 21.95 -22.08
N ASP A 261 -5.53 20.76 -21.52
CA ASP A 261 -6.85 20.16 -21.39
C ASP A 261 -6.98 19.47 -20.02
N SER A 262 -6.78 20.25 -18.96
CA SER A 262 -6.75 19.72 -17.61
C SER A 262 -8.07 19.86 -16.85
N ASP A 263 -9.05 20.59 -17.40
CA ASP A 263 -10.32 20.73 -16.72
C ASP A 263 -11.13 19.44 -16.74
N LYS A 264 -10.84 18.53 -17.67
CA LYS A 264 -11.58 17.28 -17.81
C LYS A 264 -10.82 16.08 -17.28
N ILE A 265 -9.79 16.29 -16.47
CA ILE A 265 -9.02 15.21 -15.89
C ILE A 265 -8.89 15.42 -14.39
N GLY A 266 -8.82 14.30 -13.65
CA GLY A 266 -8.61 14.35 -12.22
C GLY A 266 -7.48 13.42 -11.81
N CYS A 267 -7.78 12.12 -11.72
CA CYS A 267 -6.75 11.08 -11.64
C CYS A 267 -7.07 10.07 -12.74
N GLU A 268 -6.37 10.21 -13.86
CA GLU A 268 -6.58 9.37 -15.04
C GLU A 268 -5.44 8.39 -15.20
N VAL A 269 -5.70 7.30 -15.91
CA VAL A 269 -4.72 6.26 -16.17
C VAL A 269 -4.70 5.98 -17.66
N TYR A 270 -3.50 5.90 -18.24
CA TYR A 270 -3.32 5.63 -19.65
C TYR A 270 -2.27 4.55 -19.84
N ASN A 271 -2.56 3.58 -20.71
CA ASN A 271 -1.54 2.64 -21.13
C ASN A 271 -0.53 3.34 -22.02
N LEU A 272 0.73 2.95 -21.90
CA LEU A 272 1.78 3.37 -22.83
C LEU A 272 2.37 2.10 -23.42
N GLY A 273 1.83 1.69 -24.58
CA GLY A 273 2.30 0.50 -25.27
C GLY A 273 2.17 0.70 -26.77
N THR A 274 2.50 -0.35 -27.52
CA THR A 274 2.36 -0.32 -28.96
C THR A 274 1.14 -1.09 -29.46
N GLY A 275 0.54 -1.93 -28.62
CA GLY A 275 -0.58 -2.74 -29.03
C GLY A 275 -0.20 -4.01 -29.76
N LYS A 276 1.08 -4.21 -30.07
CA LYS A 276 1.55 -5.42 -30.74
C LYS A 276 2.24 -6.33 -29.74
N GLY A 277 1.99 -7.62 -29.86
CA GLY A 277 2.62 -8.62 -29.02
C GLY A 277 3.75 -9.31 -29.79
N THR A 278 4.86 -9.54 -29.10
CA THR A 278 6.03 -10.17 -29.71
C THR A 278 6.57 -11.21 -28.73
N SER A 279 6.89 -12.39 -29.25
CA SER A 279 7.36 -13.48 -28.42
C SER A 279 8.86 -13.33 -28.13
N VAL A 280 9.36 -14.22 -27.27
CA VAL A 280 10.77 -14.19 -26.91
C VAL A 280 11.63 -14.53 -28.12
N LEU A 281 11.28 -15.60 -28.84
CA LEU A 281 12.07 -16.00 -30.00
C LEU A 281 12.03 -14.95 -31.10
N GLU A 282 10.89 -14.28 -31.27
CA GLU A 282 10.79 -13.23 -32.26
C GLU A 282 11.69 -12.04 -31.91
N MET A 283 11.78 -11.70 -30.63
CA MET A 283 12.69 -10.63 -30.21
C MET A 283 14.14 -11.04 -30.43
N VAL A 284 14.48 -12.29 -30.12
CA VAL A 284 15.84 -12.77 -30.36
C VAL A 284 16.15 -12.77 -31.85
N ALA A 285 15.16 -13.13 -32.67
CA ALA A 285 15.36 -13.10 -34.12
C ALA A 285 15.57 -11.67 -34.61
N ALA A 286 14.81 -10.71 -34.06
CA ALA A 286 14.97 -9.33 -34.49
C ALA A 286 16.31 -8.76 -34.06
N PHE A 287 16.80 -9.17 -32.88
CA PHE A 287 18.07 -8.64 -32.42
C PHE A 287 19.24 -9.24 -33.18
N GLU A 288 19.12 -10.51 -33.60
CA GLU A 288 20.15 -11.09 -34.45
C GLU A 288 20.21 -10.40 -35.79
N LYS A 289 19.05 -10.05 -36.35
CA LYS A 289 19.03 -9.34 -37.63
C LYS A 289 19.61 -7.93 -37.48
N ALA A 290 19.27 -7.24 -36.40
CA ALA A 290 19.73 -5.87 -36.22
C ALA A 290 21.21 -5.80 -35.87
N SER A 291 21.74 -6.84 -35.23
CA SER A 291 23.12 -6.80 -34.75
C SER A 291 24.08 -7.68 -35.54
N GLY A 292 23.58 -8.61 -36.34
CA GLY A 292 24.44 -9.56 -37.00
C GLY A 292 25.08 -10.58 -36.11
N LYS A 293 24.79 -10.54 -34.80
CA LYS A 293 25.29 -11.53 -33.85
C LYS A 293 24.29 -12.67 -33.71
N LYS A 294 24.78 -13.79 -33.18
CA LYS A 294 23.96 -14.96 -32.90
C LYS A 294 23.84 -15.14 -31.40
N ILE A 295 22.63 -15.39 -30.93
CA ILE A 295 22.34 -15.52 -29.50
C ILE A 295 22.18 -17.00 -29.18
N PRO A 296 23.16 -17.64 -28.52
CA PRO A 296 22.97 -19.03 -28.11
C PRO A 296 21.85 -19.14 -27.09
N LEU A 297 21.10 -20.23 -27.17
CA LEU A 297 19.91 -20.42 -26.35
C LEU A 297 20.05 -21.65 -25.47
N VAL A 298 19.64 -21.50 -24.22
CA VAL A 298 19.38 -22.61 -23.31
C VAL A 298 17.90 -22.59 -22.98
N PHE A 299 17.27 -23.77 -22.94
CA PHE A 299 15.85 -23.89 -22.72
C PHE A 299 15.58 -24.34 -21.29
N ALA A 300 14.74 -23.58 -20.59
CA ALA A 300 14.34 -23.90 -19.23
C ALA A 300 12.83 -23.77 -19.09
N GLY A 301 12.34 -24.14 -17.91
CA GLY A 301 10.92 -24.06 -17.64
C GLY A 301 10.47 -22.63 -17.40
N ARG A 302 9.18 -22.51 -17.14
CA ARG A 302 8.56 -21.19 -16.89
C ARG A 302 9.14 -20.52 -15.65
N ARG A 303 9.27 -19.20 -15.71
CA ARG A 303 9.72 -18.41 -14.58
C ARG A 303 8.54 -18.13 -13.65
N PRO A 304 8.65 -18.42 -12.36
CA PRO A 304 7.51 -18.27 -11.46
C PRO A 304 7.01 -16.82 -11.43
N GLY A 305 5.72 -16.66 -11.68
CA GLY A 305 5.08 -15.36 -11.75
C GLY A 305 4.96 -14.78 -13.15
N ASP A 306 5.55 -15.40 -14.15
CA ASP A 306 5.51 -14.86 -15.50
C ASP A 306 4.10 -14.96 -16.08
N ALA A 307 3.66 -13.88 -16.71
CA ALA A 307 2.43 -13.92 -17.48
C ALA A 307 2.67 -14.67 -18.79
N GLU A 308 1.58 -15.07 -19.44
CA GLU A 308 1.67 -15.75 -20.72
C GLU A 308 1.75 -14.74 -21.87
N ILE A 309 0.73 -13.90 -22.02
CA ILE A 309 0.66 -12.94 -23.11
C ILE A 309 0.04 -11.65 -22.58
N VAL A 310 0.75 -10.53 -22.76
CA VAL A 310 0.30 -9.21 -22.30
C VAL A 310 0.67 -8.21 -23.38
N TYR A 311 -0.33 -7.48 -23.89
CA TYR A 311 -0.06 -6.29 -24.68
C TYR A 311 -1.19 -5.30 -24.47
N ALA A 312 -0.96 -4.07 -24.93
CA ALA A 312 -1.74 -2.91 -24.53
C ALA A 312 -2.92 -2.65 -25.46
N ALA A 313 -3.99 -2.11 -24.88
CA ALA A 313 -5.06 -1.48 -25.65
C ALA A 313 -4.74 0.00 -25.74
N THR A 314 -4.39 0.45 -26.94
CA THR A 314 -3.87 1.80 -27.14
C THR A 314 -4.95 2.83 -27.46
N ALA A 315 -6.20 2.41 -27.56
CA ALA A 315 -7.26 3.32 -28.02
C ALA A 315 -7.39 4.53 -27.10
N LYS A 316 -7.38 4.31 -25.78
CA LYS A 316 -7.59 5.41 -24.85
C LYS A 316 -6.45 6.41 -24.91
N ALA A 317 -5.21 5.93 -24.94
CA ALA A 317 -4.06 6.83 -25.05
C ALA A 317 -4.09 7.62 -26.36
N GLU A 318 -4.50 6.96 -27.46
CA GLU A 318 -4.57 7.65 -28.74
C GLU A 318 -5.64 8.74 -28.73
N LYS A 319 -6.75 8.51 -28.03
CA LYS A 319 -7.85 9.48 -28.00
C LYS A 319 -7.54 10.66 -27.08
N GLU A 320 -7.27 10.36 -25.80
CA GLU A 320 -7.18 11.41 -24.79
C GLU A 320 -5.80 12.07 -24.79
N LEU A 321 -4.73 11.27 -24.83
CA LEU A 321 -3.39 11.83 -24.85
C LEU A 321 -2.95 12.28 -26.23
N LYS A 322 -3.68 11.89 -27.27
CA LYS A 322 -3.31 12.19 -28.66
C LYS A 322 -1.89 11.69 -28.94
N TRP A 323 -1.60 10.46 -28.49
CA TRP A 323 -0.27 9.88 -28.56
C TRP A 323 -0.32 8.45 -29.06
N LYS A 324 0.62 8.11 -29.93
CA LYS A 324 0.79 6.76 -30.44
C LYS A 324 2.27 6.51 -30.66
N ALA A 325 2.72 5.29 -30.37
CA ALA A 325 4.13 4.96 -30.57
C ALA A 325 4.48 4.97 -32.06
N LYS A 326 5.69 5.42 -32.37
CA LYS A 326 6.14 5.52 -33.75
C LYS A 326 7.28 4.58 -34.10
N TYR A 327 7.88 3.90 -33.13
CA TYR A 327 9.00 3.00 -33.40
C TYR A 327 8.57 1.55 -33.27
N GLY A 328 9.05 0.73 -34.20
CA GLY A 328 8.75 -0.69 -34.21
C GLY A 328 9.89 -1.52 -33.65
N ILE A 329 9.66 -2.83 -33.66
CA ILE A 329 10.61 -3.78 -33.08
C ILE A 329 11.98 -3.64 -33.76
N GLU A 330 11.99 -3.43 -35.08
CA GLU A 330 13.25 -3.37 -35.80
C GLU A 330 14.09 -2.19 -35.33
N GLU A 331 13.46 -1.03 -35.11
CA GLU A 331 14.19 0.14 -34.65
C GLU A 331 14.62 0.00 -33.20
N MET A 332 13.83 -0.68 -32.37
CA MET A 332 14.20 -0.91 -30.97
C MET A 332 15.50 -1.70 -30.88
N CYS A 333 15.59 -2.78 -31.64
CA CYS A 333 16.78 -3.62 -31.60
C CYS A 333 17.97 -2.90 -32.23
N ARG A 334 17.74 -2.10 -33.26
CA ARG A 334 18.81 -1.30 -33.84
C ARG A 334 19.42 -0.36 -32.81
N ASP A 335 18.57 0.39 -32.11
CA ASP A 335 19.06 1.38 -31.17
C ASP A 335 19.65 0.73 -29.93
N LEU A 336 19.12 -0.42 -29.51
CA LEU A 336 19.72 -1.14 -28.40
C LEU A 336 21.11 -1.65 -28.76
N TRP A 337 21.24 -2.26 -29.93
CA TRP A 337 22.55 -2.74 -30.37
C TRP A 337 23.55 -1.59 -30.50
N ASN A 338 23.09 -0.44 -31.01
CA ASN A 338 23.97 0.72 -31.16
C ASN A 338 24.51 1.16 -29.81
N TRP A 339 23.63 1.33 -28.82
CA TRP A 339 24.07 1.65 -27.47
C TRP A 339 24.95 0.55 -26.90
N ALA A 340 24.62 -0.70 -27.20
CA ALA A 340 25.37 -1.85 -26.69
C ALA A 340 26.78 -1.89 -27.25
N SER A 341 26.91 -1.88 -28.58
CA SER A 341 28.24 -1.98 -29.19
C SER A 341 29.09 -0.76 -28.87
N LYS A 342 28.48 0.41 -28.75
CA LYS A 342 29.25 1.62 -28.43
C LYS A 342 29.64 1.70 -26.96
N ASN A 343 28.86 1.08 -26.07
CA ASN A 343 29.11 1.15 -24.63
C ASN A 343 28.90 -0.23 -24.03
N PRO A 344 29.80 -1.18 -24.32
CA PRO A 344 29.55 -2.57 -23.91
C PRO A 344 29.57 -2.78 -22.41
N TYR A 345 30.19 -1.89 -21.64
CA TYR A 345 30.21 -2.00 -20.19
C TYR A 345 29.54 -0.80 -19.53
N GLY A 346 28.56 -0.22 -20.22
CA GLY A 346 27.80 0.87 -19.64
C GLY A 346 28.57 2.18 -19.61
N TYR A 347 28.19 3.04 -18.66
CA TYR A 347 28.81 4.35 -18.53
C TYR A 347 30.19 4.28 -17.89
N ALA A 348 30.47 3.25 -17.12
CA ALA A 348 31.77 3.12 -16.45
C ALA A 348 32.91 2.99 -17.45
N ARG B 7 7.97 -11.87 31.26
CA ARG B 7 7.51 -11.85 29.85
C ARG B 7 7.04 -10.43 29.48
N THR B 8 7.80 -9.73 28.64
CA THR B 8 7.49 -8.32 28.32
C THR B 8 6.89 -8.18 26.92
N ILE B 9 5.78 -7.44 26.80
CA ILE B 9 5.09 -7.27 25.49
C ILE B 9 5.03 -5.79 25.12
N LEU B 10 5.40 -5.46 23.87
CA LEU B 10 5.24 -4.06 23.41
C LEU B 10 3.85 -3.91 22.80
N VAL B 11 3.08 -2.92 23.25
CA VAL B 11 1.74 -2.65 22.76
C VAL B 11 1.74 -1.25 22.16
N THR B 12 1.68 -1.16 20.84
CA THR B 12 1.52 0.14 20.20
C THR B 12 0.06 0.54 20.23
N GLY B 13 -0.19 1.84 20.30
CA GLY B 13 -1.56 2.32 20.40
C GLY B 13 -2.29 1.83 21.63
N GLY B 14 -1.56 1.53 22.71
CA GLY B 14 -2.16 0.92 23.88
C GLY B 14 -3.00 1.85 24.74
N ALA B 15 -2.98 3.15 24.45
CA ALA B 15 -3.83 4.09 25.19
C ALA B 15 -5.23 4.19 24.60
N GLY B 16 -5.47 3.57 23.44
CA GLY B 16 -6.74 3.67 22.77
C GLY B 16 -7.80 2.74 23.32
N TYR B 17 -8.97 2.78 22.69
CA TYR B 17 -10.13 2.01 23.08
C TYR B 17 -9.80 0.52 23.27
N ILE B 18 -9.54 -0.18 22.17
CA ILE B 18 -9.27 -1.61 22.26
C ILE B 18 -7.91 -1.85 22.92
N GLY B 19 -6.97 -0.93 22.74
CA GLY B 19 -5.63 -1.15 23.27
C GLY B 19 -5.60 -1.11 24.79
N SER B 20 -6.26 -0.13 25.39
CA SER B 20 -6.26 -0.02 26.86
C SER B 20 -6.87 -1.27 27.50
N HIS B 21 -7.97 -1.78 26.94
CA HIS B 21 -8.58 -2.99 27.48
C HIS B 21 -7.65 -4.18 27.34
N THR B 22 -6.95 -4.29 26.22
CA THR B 22 -5.99 -5.38 26.05
C THR B 22 -4.84 -5.24 27.04
N VAL B 23 -4.37 -4.01 27.27
CA VAL B 23 -3.31 -3.79 28.25
C VAL B 23 -3.75 -4.22 29.63
N LEU B 24 -4.99 -3.91 30.02
CA LEU B 24 -5.49 -4.34 31.32
C LEU B 24 -5.52 -5.86 31.42
N GLN B 25 -6.07 -6.54 30.42
CA GLN B 25 -6.08 -8.00 30.44
C GLN B 25 -4.67 -8.56 30.50
N LEU B 26 -3.74 -7.96 29.76
CA LEU B 26 -2.35 -8.38 29.82
C LEU B 26 -1.76 -8.18 31.21
N LEU B 27 -2.07 -7.05 31.84
CA LEU B 27 -1.55 -6.79 33.19
C LEU B 27 -2.11 -7.78 34.19
N GLN B 28 -3.35 -8.23 34.00
CA GLN B 28 -3.92 -9.21 34.92
C GLN B 28 -3.31 -10.59 34.72
N GLN B 29 -2.87 -10.90 33.51
CA GLN B 29 -2.26 -12.20 33.23
C GLN B 29 -0.82 -12.30 33.70
N GLY B 30 -0.24 -11.23 34.23
CA GLY B 30 1.11 -11.27 34.75
C GLY B 30 2.18 -10.79 33.80
N PHE B 31 1.83 -10.09 32.72
CA PHE B 31 2.82 -9.59 31.79
C PHE B 31 3.32 -8.22 32.21
N ARG B 32 4.58 -7.94 31.90
CA ARG B 32 5.05 -6.56 31.85
C ARG B 32 4.63 -5.99 30.50
N VAL B 33 4.04 -4.80 30.53
CA VAL B 33 3.53 -4.18 29.27
C VAL B 33 4.19 -2.83 29.04
N VAL B 34 4.84 -2.68 27.91
CA VAL B 34 5.39 -1.36 27.52
C VAL B 34 4.45 -0.83 26.44
N VAL B 35 3.86 0.32 26.67
CA VAL B 35 2.91 0.91 25.70
C VAL B 35 3.57 2.10 24.98
N VAL B 36 3.48 2.13 23.67
CA VAL B 36 3.97 3.29 22.89
C VAL B 36 2.76 3.93 22.20
N ASP B 37 2.56 5.23 22.45
CA ASP B 37 1.35 5.91 21.93
C ASP B 37 1.58 7.42 21.89
N ASN B 38 1.41 8.04 20.72
CA ASN B 38 1.64 9.47 20.62
C ASN B 38 0.49 10.30 21.21
N LEU B 39 -0.56 9.64 21.70
CA LEU B 39 -1.68 10.31 22.37
C LEU B 39 -2.41 11.27 21.44
N ASP B 40 -2.35 11.02 20.12
CA ASP B 40 -3.06 11.87 19.18
C ASP B 40 -4.56 11.58 19.15
N ASN B 41 -4.99 10.40 19.61
CA ASN B 41 -6.41 10.12 19.70
C ASN B 41 -6.79 9.45 21.01
N ALA B 42 -5.97 9.57 22.05
CA ALA B 42 -6.27 8.98 23.34
C ALA B 42 -5.68 9.84 24.45
N SER B 43 -6.30 9.77 25.62
CA SER B 43 -5.81 10.47 26.79
C SER B 43 -4.90 9.54 27.60
N GLU B 44 -3.92 10.14 28.27
CA GLU B 44 -3.09 9.37 29.18
C GLU B 44 -3.87 8.94 30.42
N ALA B 45 -5.02 9.57 30.67
CA ALA B 45 -5.86 9.14 31.78
C ALA B 45 -6.36 7.72 31.60
N ALA B 46 -6.47 7.25 30.35
CA ALA B 46 -6.92 5.88 30.09
C ALA B 46 -5.92 4.86 30.66
N LEU B 47 -4.63 5.04 30.35
CA LEU B 47 -3.62 4.17 30.92
C LEU B 47 -3.41 4.41 32.41
N ALA B 48 -3.78 5.60 32.91
CA ALA B 48 -3.73 5.83 34.35
C ALA B 48 -4.81 5.02 35.05
N ARG B 49 -6.03 5.04 34.51
CA ARG B 49 -7.11 4.25 35.09
C ARG B 49 -6.87 2.76 34.91
N VAL B 50 -6.29 2.35 33.77
CA VAL B 50 -5.96 0.95 33.55
C VAL B 50 -4.99 0.47 34.63
N ALA B 51 -3.98 1.29 34.94
CA ALA B 51 -3.05 0.94 36.01
C ALA B 51 -3.77 0.79 37.35
N GLU B 52 -4.83 1.57 37.58
CA GLU B 52 -5.63 1.39 38.80
C GLU B 52 -6.35 0.06 38.80
N LEU B 53 -7.06 -0.25 37.70
CA LEU B 53 -7.80 -1.50 37.60
C LEU B 53 -6.87 -2.71 37.59
N ALA B 54 -5.62 -2.53 37.19
CA ALA B 54 -4.66 -3.63 37.27
C ALA B 54 -4.32 -3.99 38.71
N GLY B 55 -4.70 -3.16 39.67
CA GLY B 55 -4.53 -3.51 41.07
C GLY B 55 -3.08 -3.65 41.45
N HIS B 56 -2.73 -4.79 42.05
CA HIS B 56 -1.36 -5.05 42.45
C HIS B 56 -0.41 -5.20 41.27
N ASP B 57 -0.92 -5.23 40.04
CA ASP B 57 -0.11 -5.37 38.84
C ASP B 57 0.11 -4.06 38.10
N GLY B 58 -0.43 -2.95 38.62
CA GLY B 58 -0.27 -1.68 37.94
C GLY B 58 1.18 -1.27 37.71
N ALA B 59 2.08 -1.73 38.58
CA ALA B 59 3.49 -1.41 38.45
C ALA B 59 4.15 -2.09 37.25
N ASN B 60 3.45 -2.98 36.56
CA ASN B 60 4.00 -3.64 35.39
C ASN B 60 3.81 -2.83 34.10
N LEU B 61 3.01 -1.76 34.14
CA LEU B 61 2.75 -0.94 32.96
C LEU B 61 3.79 0.16 32.83
N VAL B 62 4.38 0.26 31.65
CA VAL B 62 5.33 1.32 31.30
C VAL B 62 4.80 2.03 30.06
N PHE B 63 4.72 3.35 30.10
CA PHE B 63 4.20 4.13 28.99
C PHE B 63 5.27 5.08 28.46
N HIS B 64 5.34 5.16 27.13
CA HIS B 64 6.20 6.12 26.43
C HIS B 64 5.38 6.83 25.39
N LYS B 65 5.30 8.16 25.47
CA LYS B 65 4.58 8.96 24.48
C LYS B 65 5.50 9.08 23.27
N VAL B 66 5.35 8.15 22.33
CA VAL B 66 6.25 8.02 21.19
C VAL B 66 5.45 7.74 19.94
N ASP B 67 5.74 8.46 18.86
CA ASP B 67 5.16 8.15 17.56
C ASP B 67 5.99 7.07 16.88
N LEU B 68 5.30 6.13 16.23
CA LEU B 68 5.99 5.00 15.60
C LEU B 68 6.93 5.45 14.47
N ARG B 69 6.68 6.62 13.89
CA ARG B 69 7.55 7.13 12.84
C ARG B 69 8.85 7.71 13.37
N ASP B 70 8.96 7.92 14.68
CA ASP B 70 10.18 8.39 15.32
C ASP B 70 11.10 7.18 15.51
N ARG B 71 11.94 6.91 14.50
CA ARG B 71 12.75 5.71 14.51
C ARG B 71 13.77 5.74 15.66
N HIS B 72 14.37 6.90 15.92
CA HIS B 72 15.39 6.98 16.96
C HIS B 72 14.81 6.66 18.33
N ALA B 73 13.65 7.25 18.64
CA ALA B 73 12.98 6.94 19.90
C ALA B 73 12.55 5.47 19.94
N LEU B 74 12.01 4.97 18.83
CA LEU B 74 11.51 3.59 18.81
C LEU B 74 12.66 2.58 18.93
N VAL B 75 13.82 2.91 18.39
CA VAL B 75 14.99 2.01 18.49
C VAL B 75 15.43 1.94 19.96
N ASP B 76 15.40 3.06 20.66
CA ASP B 76 15.85 3.13 22.08
C ASP B 76 14.96 2.27 22.98
N ILE B 77 13.66 2.26 22.74
CA ILE B 77 12.70 1.45 23.55
C ILE B 77 12.97 -0.02 23.31
N PHE B 78 13.18 -0.40 22.05
CA PHE B 78 13.44 -1.83 21.71
C PHE B 78 14.77 -2.30 22.30
N SER B 79 15.73 -1.38 22.45
CA SER B 79 17.06 -1.75 22.98
C SER B 79 17.00 -1.78 24.51
N SER B 80 15.96 -1.18 25.08
CA SER B 80 15.82 -1.13 26.56
C SER B 80 15.12 -2.40 27.06
N HIS B 81 14.32 -3.00 26.22
CA HIS B 81 13.65 -4.19 26.75
C HIS B 81 13.95 -5.36 25.86
N ARG B 82 13.61 -6.56 26.31
CA ARG B 82 13.69 -7.77 25.47
C ARG B 82 12.24 -8.20 25.28
N PHE B 83 11.63 -7.76 24.18
CA PHE B 83 10.21 -8.05 23.95
C PHE B 83 9.98 -9.46 23.43
N GLU B 84 8.97 -10.12 23.96
CA GLU B 84 8.57 -11.42 23.44
C GLU B 84 7.79 -11.27 22.13
N ALA B 85 6.94 -10.25 22.04
CA ALA B 85 6.13 -10.01 20.86
C ALA B 85 5.62 -8.58 20.90
N VAL B 86 5.08 -8.14 19.77
CA VAL B 86 4.53 -6.80 19.63
C VAL B 86 3.07 -6.93 19.22
N ILE B 87 2.19 -6.20 19.89
CA ILE B 87 0.79 -6.09 19.50
C ILE B 87 0.58 -4.69 18.95
N HIS B 88 0.16 -4.61 17.70
CA HIS B 88 0.18 -3.37 16.93
C HIS B 88 -1.25 -2.86 16.76
N PHE B 89 -1.68 -2.01 17.70
CA PHE B 89 -2.95 -1.31 17.62
C PHE B 89 -2.83 0.09 17.01
N ALA B 90 -1.63 0.67 17.01
CA ALA B 90 -1.47 2.08 16.69
C ALA B 90 -1.94 2.38 15.28
N GLY B 91 -2.57 3.54 15.12
CA GLY B 91 -3.02 3.99 13.83
C GLY B 91 -4.33 4.75 13.93
N LEU B 92 -4.63 5.51 12.88
CA LEU B 92 -5.88 6.24 12.79
C LEU B 92 -6.94 5.39 12.13
N LYS B 93 -8.20 5.62 12.51
CA LYS B 93 -9.27 4.70 12.14
C LYS B 93 -10.58 5.38 11.73
N ALA B 94 -10.66 6.71 11.72
CA ALA B 94 -11.89 7.37 11.31
C ALA B 94 -12.05 7.29 9.80
N VAL B 95 -13.07 6.56 9.34
CA VAL B 95 -13.26 6.35 7.91
C VAL B 95 -13.53 7.69 7.21
N GLY B 96 -14.39 8.52 7.79
CA GLY B 96 -14.64 9.82 7.19
C GLY B 96 -13.41 10.70 7.17
N GLU B 97 -12.56 10.58 8.18
CA GLU B 97 -11.28 11.33 8.21
C GLU B 97 -10.26 10.68 7.26
N SER B 98 -10.56 9.53 6.68
CA SER B 98 -9.59 8.91 5.76
C SER B 98 -9.88 9.43 4.35
N VAL B 99 -11.14 9.74 4.07
CA VAL B 99 -11.55 10.19 2.72
C VAL B 99 -11.15 11.65 2.53
N HIS B 100 -11.25 12.46 3.57
CA HIS B 100 -10.98 13.92 3.44
C HIS B 100 -9.48 14.20 3.59
N LYS B 101 -8.79 13.40 4.39
CA LYS B 101 -7.34 13.59 4.62
C LYS B 101 -6.62 12.26 4.32
N PRO B 102 -6.56 11.72 3.08
CA PRO B 102 -5.98 10.38 2.90
C PRO B 102 -4.49 10.30 3.17
N LEU B 103 -3.71 11.34 2.85
CA LEU B 103 -2.27 11.27 3.07
C LEU B 103 -1.94 11.16 4.55
N LEU B 104 -2.70 11.87 5.39
CA LEU B 104 -2.49 11.75 6.84
C LEU B 104 -2.62 10.30 7.29
N TYR B 105 -3.56 9.57 6.68
CA TYR B 105 -3.76 8.17 7.04
C TYR B 105 -2.68 7.27 6.43
N TYR B 106 -2.38 7.46 5.14
CA TYR B 106 -1.33 6.66 4.52
C TYR B 106 0.00 6.89 5.21
N ASP B 107 0.30 8.13 5.59
CA ASP B 107 1.54 8.42 6.29
C ASP B 107 1.55 7.75 7.66
N ASN B 108 0.57 8.08 8.50
CA ASN B 108 0.59 7.61 9.88
C ASN B 108 0.58 6.08 9.94
N ASN B 109 -0.32 5.45 9.19
CA ASN B 109 -0.49 4.01 9.30
C ASN B 109 0.60 3.24 8.56
N LEU B 110 0.81 3.53 7.27
CA LEU B 110 1.79 2.77 6.50
C LEU B 110 3.22 3.08 6.97
N VAL B 111 3.59 4.36 6.99
CA VAL B 111 4.97 4.73 7.35
C VAL B 111 5.27 4.35 8.79
N GLY B 112 4.30 4.54 9.69
CA GLY B 112 4.49 4.08 11.06
C GLY B 112 4.70 2.57 11.15
N THR B 113 3.89 1.82 10.42
CA THR B 113 4.01 0.36 10.45
C THR B 113 5.31 -0.11 9.79
N ILE B 114 5.70 0.51 8.67
CA ILE B 114 6.96 0.15 8.04
C ILE B 114 8.11 0.34 9.00
N THR B 115 8.17 1.51 9.65
CA THR B 115 9.25 1.79 10.59
C THR B 115 9.26 0.79 11.74
N LEU B 116 8.09 0.46 12.27
CA LEU B 116 8.02 -0.48 13.38
C LEU B 116 8.51 -1.87 12.95
N LEU B 117 8.10 -2.32 11.77
CA LEU B 117 8.53 -3.63 11.29
C LEU B 117 10.03 -3.67 11.07
N GLU B 118 10.61 -2.56 10.57
CA GLU B 118 12.06 -2.50 10.37
C GLU B 118 12.79 -2.50 11.71
N VAL B 119 12.34 -1.67 12.65
CA VAL B 119 12.97 -1.63 13.97
C VAL B 119 12.85 -2.99 14.66
N MET B 120 11.70 -3.65 14.51
CA MET B 120 11.52 -4.98 15.06
C MET B 120 12.53 -5.96 14.49
N ALA B 121 12.69 -5.96 13.16
CA ALA B 121 13.61 -6.90 12.53
C ALA B 121 15.05 -6.66 12.97
N ALA B 122 15.46 -5.40 13.06
CA ALA B 122 16.82 -5.08 13.47
C ALA B 122 17.08 -5.45 14.91
N ASN B 123 16.07 -5.33 15.78
CA ASN B 123 16.25 -5.66 17.19
C ASN B 123 16.18 -7.16 17.45
N GLY B 124 15.61 -7.94 16.53
CA GLY B 124 15.47 -9.36 16.70
C GLY B 124 14.12 -9.83 17.22
N CYS B 125 13.15 -8.93 17.36
CA CYS B 125 11.82 -9.27 17.84
C CYS B 125 10.91 -9.42 16.63
N LYS B 126 10.82 -10.65 16.12
CA LYS B 126 10.04 -10.93 14.92
C LYS B 126 8.77 -11.70 15.24
N LYS B 127 8.02 -11.23 16.23
CA LYS B 127 6.77 -11.86 16.64
C LYS B 127 5.72 -10.76 16.77
N LEU B 128 4.71 -10.81 15.91
CA LEU B 128 3.78 -9.70 15.76
C LEU B 128 2.34 -10.18 15.82
N VAL B 129 1.51 -9.43 16.54
CA VAL B 129 0.06 -9.55 16.46
C VAL B 129 -0.45 -8.21 15.97
N PHE B 130 -1.11 -8.21 14.82
CA PHE B 130 -1.55 -6.98 14.18
C PHE B 130 -3.07 -6.85 14.23
N SER B 131 -3.52 -5.65 14.56
CA SER B 131 -4.95 -5.35 14.68
C SER B 131 -5.49 -5.01 13.29
N SER B 132 -6.13 -5.97 12.65
CA SER B 132 -6.77 -5.74 11.38
C SER B 132 -8.29 -5.57 11.61
N SER B 133 -9.08 -5.73 10.56
CA SER B 133 -10.50 -5.45 10.65
C SER B 133 -11.25 -6.27 9.60
N ALA B 134 -12.49 -6.64 9.94
CA ALA B 134 -13.35 -7.35 8.98
C ALA B 134 -13.78 -6.46 7.82
N THR B 135 -13.40 -5.18 7.82
CA THR B 135 -13.71 -4.32 6.69
C THR B 135 -13.06 -4.79 5.40
N VAL B 136 -11.98 -5.59 5.50
CA VAL B 136 -11.32 -6.09 4.30
C VAL B 136 -12.18 -7.11 3.58
N TYR B 137 -13.29 -7.55 4.20
CA TYR B 137 -14.21 -8.52 3.54
C TYR B 137 -15.21 -7.76 2.65
N GLY B 138 -15.11 -6.44 2.61
CA GLY B 138 -16.01 -5.61 1.80
C GLY B 138 -17.47 -5.96 2.01
N TRP B 139 -18.22 -6.11 0.92
CA TRP B 139 -19.62 -6.57 1.01
C TRP B 139 -19.63 -8.05 0.72
N PRO B 140 -19.67 -8.94 1.73
CA PRO B 140 -19.54 -10.36 1.48
C PRO B 140 -20.71 -10.92 0.68
N LYS B 141 -20.40 -11.88 -0.20
CA LYS B 141 -21.45 -12.51 -1.04
C LYS B 141 -22.16 -13.58 -0.22
N GLU B 142 -21.45 -14.22 0.71
CA GLU B 142 -22.11 -15.20 1.61
C GLU B 142 -21.74 -14.91 3.06
N VAL B 143 -22.44 -15.51 3.99
CA VAL B 143 -22.16 -15.35 5.43
C VAL B 143 -22.32 -16.74 6.05
N PRO B 144 -21.44 -17.20 6.97
CA PRO B 144 -20.50 -16.33 7.66
C PRO B 144 -19.20 -16.09 6.89
N CYS B 145 -18.40 -15.10 7.29
CA CYS B 145 -17.20 -14.77 6.47
C CYS B 145 -15.98 -15.50 7.02
N THR B 146 -15.40 -16.42 6.24
CA THR B 146 -14.21 -17.13 6.64
C THR B 146 -12.97 -16.32 6.27
N GLU B 147 -11.83 -16.74 6.82
CA GLU B 147 -10.57 -16.07 6.53
C GLU B 147 -10.13 -16.23 5.08
N GLU B 148 -10.77 -17.11 4.32
CA GLU B 148 -10.45 -17.31 2.91
C GLU B 148 -11.24 -16.40 1.97
N PHE B 149 -12.18 -15.62 2.49
CA PHE B 149 -13.02 -14.79 1.64
C PHE B 149 -12.17 -13.78 0.87
N PRO B 150 -12.60 -13.41 -0.35
CA PRO B 150 -11.86 -12.40 -1.11
C PRO B 150 -11.79 -11.09 -0.34
N LEU B 151 -10.66 -10.41 -0.48
CA LEU B 151 -10.40 -9.18 0.26
C LEU B 151 -10.44 -7.98 -0.68
N CYS B 152 -11.07 -6.90 -0.22
CA CYS B 152 -11.05 -5.63 -0.94
C CYS B 152 -11.36 -4.53 0.04
N ALA B 153 -10.80 -3.35 -0.23
CA ALA B 153 -11.01 -2.17 0.60
C ALA B 153 -11.86 -1.16 -0.13
N THR B 154 -12.66 -0.42 0.62
CA THR B 154 -13.62 0.52 0.06
C THR B 154 -13.39 1.96 0.49
N ASN B 155 -12.35 2.25 1.27
CA ASN B 155 -12.02 3.61 1.66
C ASN B 155 -10.54 3.65 2.03
N PRO B 156 -9.94 4.85 2.12
CA PRO B 156 -8.51 4.92 2.44
C PRO B 156 -8.13 4.21 3.72
N TYR B 157 -8.93 4.33 4.78
CA TYR B 157 -8.64 3.62 6.01
C TYR B 157 -8.56 2.11 5.79
N GLY B 158 -9.56 1.55 5.11
CA GLY B 158 -9.53 0.12 4.81
C GLY B 158 -8.36 -0.28 3.94
N ARG B 159 -7.93 0.60 3.03
CA ARG B 159 -6.78 0.29 2.19
C ARG B 159 -5.51 0.15 3.01
N THR B 160 -5.31 1.03 4.00
CA THR B 160 -4.13 0.90 4.86
C THR B 160 -4.15 -0.41 5.62
N LYS B 161 -5.33 -0.85 6.07
CA LYS B 161 -5.43 -2.13 6.76
C LYS B 161 -5.07 -3.28 5.83
N LEU B 162 -5.58 -3.26 4.60
CA LEU B 162 -5.30 -4.34 3.66
C LEU B 162 -3.83 -4.31 3.22
N VAL B 163 -3.27 -3.12 3.05
CA VAL B 163 -1.88 -3.02 2.62
C VAL B 163 -0.94 -3.52 3.72
N ILE B 164 -1.23 -3.19 4.97
CA ILE B 164 -0.40 -3.67 6.08
C ILE B 164 -0.45 -5.19 6.15
N GLU B 165 -1.63 -5.78 5.95
CA GLU B 165 -1.73 -7.24 5.92
C GLU B 165 -0.85 -7.83 4.83
N ASP B 166 -0.86 -7.24 3.63
CA ASP B 166 -0.01 -7.73 2.56
C ASP B 166 1.47 -7.53 2.87
N ILE B 167 1.81 -6.44 3.56
CA ILE B 167 3.20 -6.22 3.97
C ILE B 167 3.64 -7.33 4.90
N CYS B 168 2.81 -7.66 5.89
CA CYS B 168 3.12 -8.75 6.81
C CYS B 168 3.22 -10.08 6.06
N ARG B 169 2.35 -10.30 5.08
CA ARG B 169 2.46 -11.47 4.21
C ARG B 169 3.82 -11.53 3.52
N ASP B 170 4.23 -10.42 2.91
CA ASP B 170 5.50 -10.42 2.18
C ASP B 170 6.69 -10.53 3.13
N VAL B 171 6.62 -9.89 4.30
CA VAL B 171 7.74 -9.94 5.24
C VAL B 171 7.99 -11.37 5.68
N HIS B 172 6.94 -12.07 6.13
CA HIS B 172 7.11 -13.46 6.53
C HIS B 172 7.63 -14.32 5.39
N ARG B 173 7.09 -14.10 4.19
CA ARG B 173 7.54 -14.88 3.03
C ARG B 173 9.03 -14.71 2.79
N SER B 174 9.59 -13.54 3.12
CA SER B 174 11.01 -13.30 2.90
C SER B 174 11.89 -13.73 4.07
N ASP B 175 11.30 -13.96 5.25
CA ASP B 175 12.07 -14.22 6.46
C ASP B 175 11.27 -15.19 7.32
N PRO B 176 11.58 -16.49 7.27
CA PRO B 176 10.78 -17.48 8.02
C PRO B 176 10.89 -17.34 9.53
N ASP B 177 11.85 -16.56 10.03
CA ASP B 177 11.92 -16.29 11.46
C ASP B 177 10.73 -15.47 11.96
N TRP B 178 10.01 -14.82 11.06
CA TRP B 178 8.86 -14.00 11.45
C TRP B 178 7.68 -14.89 11.81
N LYS B 179 7.01 -14.54 12.90
CA LYS B 179 5.76 -15.17 13.32
C LYS B 179 4.74 -14.07 13.48
N ILE B 180 3.76 -14.01 12.57
CA ILE B 180 2.80 -12.93 12.51
C ILE B 180 1.39 -13.51 12.62
N ILE B 181 0.56 -12.87 13.43
CA ILE B 181 -0.84 -13.21 13.54
C ILE B 181 -1.66 -11.97 13.20
N LEU B 182 -2.53 -12.10 12.20
CA LEU B 182 -3.42 -11.02 11.79
C LEU B 182 -4.79 -11.30 12.39
N LEU B 183 -5.32 -10.34 13.14
CA LEU B 183 -6.61 -10.46 13.80
C LEU B 183 -7.57 -9.50 13.12
N ARG B 184 -8.59 -10.05 12.45
CA ARG B 184 -9.63 -9.23 11.84
C ARG B 184 -10.74 -9.05 12.87
N TYR B 185 -10.83 -7.85 13.45
CA TYR B 185 -11.93 -7.52 14.34
C TYR B 185 -13.22 -7.39 13.56
N PHE B 186 -14.33 -7.40 14.28
CA PHE B 186 -15.58 -7.02 13.66
C PHE B 186 -16.06 -5.73 14.29
N ASN B 187 -17.22 -5.73 14.95
CA ASN B 187 -17.74 -4.47 15.47
C ASN B 187 -17.58 -4.42 16.99
N PRO B 188 -16.64 -3.63 17.51
CA PRO B 188 -16.44 -3.58 18.96
C PRO B 188 -17.54 -2.77 19.65
N VAL B 189 -18.03 -3.32 20.76
CA VAL B 189 -19.08 -2.70 21.56
C VAL B 189 -18.75 -2.89 23.03
N GLY B 190 -18.97 -1.85 23.83
CA GLY B 190 -18.98 -1.98 25.28
C GLY B 190 -17.77 -1.40 25.95
N ALA B 191 -17.56 -1.84 27.19
CA ALA B 191 -16.46 -1.33 28.01
C ALA B 191 -16.17 -2.35 29.10
N HIS B 192 -15.06 -2.14 29.80
CA HIS B 192 -14.76 -2.96 30.96
C HIS B 192 -15.92 -2.87 31.96
N PRO B 193 -16.33 -4.00 32.56
CA PRO B 193 -17.56 -3.98 33.37
C PRO B 193 -17.51 -3.07 34.58
N SER B 194 -16.32 -2.62 34.99
CA SER B 194 -16.22 -1.69 36.11
C SER B 194 -16.84 -0.34 35.78
N GLY B 195 -16.97 -0.01 34.50
CA GLY B 195 -17.43 1.31 34.11
C GLY B 195 -16.38 2.39 34.18
N TYR B 196 -15.11 2.03 34.33
CA TYR B 196 -14.05 2.98 34.58
C TYR B 196 -13.31 3.42 33.31
N ILE B 197 -13.34 2.62 32.24
CA ILE B 197 -12.67 2.95 30.99
C ILE B 197 -13.57 2.62 29.81
N GLY B 198 -13.36 3.33 28.71
CA GLY B 198 -14.12 3.09 27.50
C GLY B 198 -13.89 4.19 26.48
N GLU B 199 -14.77 4.22 25.49
CA GLU B 199 -14.69 5.25 24.44
C GLU B 199 -15.41 6.49 24.97
N ASN B 206 -19.43 8.13 15.54
CA ASN B 206 -18.86 7.46 14.33
C ASN B 206 -19.29 6.00 14.23
N ASN B 207 -19.88 5.45 15.29
CA ASN B 207 -20.40 4.06 15.24
C ASN B 207 -21.85 4.04 15.76
N LEU B 208 -22.55 2.93 15.55
CA LEU B 208 -23.99 2.82 15.91
C LEU B 208 -24.18 2.90 17.42
N MET B 209 -23.48 2.06 18.18
CA MET B 209 -23.78 1.99 19.61
C MET B 209 -23.40 3.29 20.33
N PRO B 210 -22.24 3.90 20.08
CA PRO B 210 -21.99 5.23 20.66
C PRO B 210 -23.03 6.26 20.23
N TYR B 211 -23.56 6.13 19.01
CA TYR B 211 -24.63 7.05 18.60
C TYR B 211 -25.91 6.75 19.36
N VAL B 212 -26.23 5.48 19.57
CA VAL B 212 -27.43 5.12 20.33
C VAL B 212 -27.32 5.64 21.76
N GLN B 213 -26.13 5.61 22.33
CA GLN B 213 -25.95 6.07 23.70
C GLN B 213 -26.20 7.57 23.82
N GLN B 214 -25.72 8.34 22.85
CA GLN B 214 -25.97 9.79 22.87
C GLN B 214 -27.46 10.10 22.75
N VAL B 215 -28.20 9.27 22.02
CA VAL B 215 -29.64 9.48 21.93
C VAL B 215 -30.32 9.09 23.24
N ALA B 216 -29.76 8.11 23.95
CA ALA B 216 -30.36 7.67 25.21
C ALA B 216 -30.29 8.76 26.27
N VAL B 217 -29.12 9.37 26.44
CA VAL B 217 -28.96 10.41 27.46
C VAL B 217 -29.49 11.75 27.01
N GLY B 218 -29.59 11.99 25.70
CA GLY B 218 -30.18 13.21 25.18
C GLY B 218 -29.24 14.14 24.43
N ARG B 219 -27.97 13.76 24.26
CA ARG B 219 -27.06 14.60 23.47
C ARG B 219 -27.51 14.73 22.03
N LEU B 220 -28.28 13.77 21.53
CA LEU B 220 -28.82 13.76 20.18
C LEU B 220 -30.29 13.38 20.21
N PRO B 221 -31.09 13.95 19.32
CA PRO B 221 -32.56 13.75 19.42
C PRO B 221 -33.02 12.37 19.00
N HIS B 222 -32.42 11.80 17.96
CA HIS B 222 -32.92 10.55 17.40
C HIS B 222 -31.81 9.81 16.69
N LEU B 223 -32.04 8.52 16.45
CA LEU B 223 -31.12 7.69 15.70
C LEU B 223 -31.66 7.49 14.29
N THR B 224 -30.85 7.83 13.29
CA THR B 224 -31.22 7.59 11.90
C THR B 224 -30.87 6.16 11.53
N VAL B 225 -31.87 5.38 11.13
CA VAL B 225 -31.67 4.01 10.70
C VAL B 225 -31.37 4.03 9.20
N TYR B 226 -30.13 3.68 8.85
CA TYR B 226 -29.65 3.78 7.47
C TYR B 226 -30.06 2.52 6.71
N GLY B 227 -31.25 2.58 6.11
CA GLY B 227 -31.71 1.47 5.30
C GLY B 227 -32.67 0.54 6.03
N THR B 228 -33.86 0.37 5.48
CA THR B 228 -34.89 -0.48 6.05
C THR B 228 -35.36 -1.58 5.10
N ASP B 229 -34.82 -1.64 3.88
CA ASP B 229 -35.25 -2.61 2.88
C ASP B 229 -34.17 -3.65 2.56
N TYR B 230 -33.24 -3.88 3.48
CA TYR B 230 -32.26 -4.93 3.29
C TYR B 230 -32.93 -6.30 3.33
N SER B 231 -32.27 -7.28 2.71
CA SER B 231 -32.77 -8.65 2.70
C SER B 231 -32.45 -9.34 4.03
N THR B 232 -32.81 -8.71 5.13
CA THR B 232 -32.65 -9.27 6.46
C THR B 232 -34.02 -9.51 7.07
N LYS B 233 -34.03 -10.01 8.30
CA LYS B 233 -35.28 -10.42 8.92
C LYS B 233 -36.14 -9.23 9.35
N ASP B 234 -35.52 -8.11 9.72
CA ASP B 234 -36.27 -6.89 10.00
C ASP B 234 -35.97 -5.77 9.02
N GLY B 235 -35.14 -6.02 8.01
CA GLY B 235 -34.88 -5.04 6.97
C GLY B 235 -33.72 -4.11 7.22
N THR B 236 -33.13 -4.13 8.41
CA THR B 236 -32.01 -3.26 8.73
C THR B 236 -30.69 -4.02 8.65
N GLY B 237 -29.60 -3.27 8.67
CA GLY B 237 -28.29 -3.88 8.52
C GLY B 237 -27.94 -4.80 9.68
N VAL B 238 -27.22 -5.88 9.37
CA VAL B 238 -26.84 -6.90 10.34
C VAL B 238 -25.32 -6.92 10.44
N ARG B 239 -24.80 -6.95 11.67
CA ARG B 239 -23.37 -6.97 11.92
C ARG B 239 -23.06 -7.95 13.05
N ASP B 240 -21.77 -8.24 13.21
CA ASP B 240 -21.26 -9.09 14.27
C ASP B 240 -20.66 -8.17 15.34
N TYR B 241 -21.43 -7.89 16.38
CA TYR B 241 -20.97 -7.03 17.46
C TYR B 241 -20.30 -7.89 18.52
N ILE B 242 -19.09 -7.52 18.90
CA ILE B 242 -18.28 -8.30 19.84
C ILE B 242 -17.81 -7.40 20.97
N HIS B 243 -17.91 -7.90 22.20
CA HIS B 243 -17.51 -7.13 23.38
C HIS B 243 -16.02 -6.81 23.35
N VAL B 244 -15.68 -5.56 23.66
CA VAL B 244 -14.28 -5.12 23.58
C VAL B 244 -13.39 -5.93 24.52
N VAL B 245 -13.94 -6.41 25.63
CA VAL B 245 -13.16 -7.26 26.53
C VAL B 245 -12.92 -8.62 25.90
N ASP B 246 -13.88 -9.11 25.12
CA ASP B 246 -13.64 -10.33 24.33
C ASP B 246 -12.53 -10.11 23.31
N LEU B 247 -12.52 -8.95 22.65
CA LEU B 247 -11.45 -8.62 21.72
C LEU B 247 -10.09 -8.62 22.40
N ALA B 248 -10.02 -8.03 23.60
CA ALA B 248 -8.78 -8.05 24.36
C ALA B 248 -8.33 -9.48 24.63
N ASP B 249 -9.27 -10.36 25.02
CA ASP B 249 -8.92 -11.75 25.29
C ASP B 249 -8.45 -12.47 24.04
N GLY B 250 -9.01 -12.12 22.87
CA GLY B 250 -8.54 -12.71 21.63
C GLY B 250 -7.06 -12.45 21.37
N HIS B 251 -6.54 -11.31 21.84
CA HIS B 251 -5.13 -11.01 21.68
C HIS B 251 -4.27 -11.77 22.68
N ILE B 252 -4.79 -12.02 23.89
CA ILE B 252 -4.09 -12.89 24.83
C ILE B 252 -3.93 -14.28 24.22
N ALA B 253 -4.96 -14.77 23.53
CA ALA B 253 -4.89 -16.06 22.86
C ALA B 253 -3.89 -16.02 21.71
N ALA B 254 -3.82 -14.89 21.00
CA ALA B 254 -2.84 -14.76 19.92
C ALA B 254 -1.42 -14.84 20.45
N LEU B 255 -1.17 -14.27 21.63
CA LEU B 255 0.14 -14.39 22.25
C LEU B 255 0.39 -15.81 22.76
N ARG B 256 -0.65 -16.44 23.32
CA ARG B 256 -0.52 -17.84 23.72
C ARG B 256 -0.14 -18.71 22.53
N LYS B 257 -0.79 -18.49 21.38
CA LYS B 257 -0.48 -19.27 20.19
C LYS B 257 0.95 -19.04 19.73
N LEU B 258 1.41 -17.79 19.78
CA LEU B 258 2.79 -17.50 19.41
C LEU B 258 3.80 -18.09 20.39
N TYR B 259 3.43 -18.17 21.66
CA TYR B 259 4.38 -18.64 22.67
C TYR B 259 4.41 -20.16 22.76
N GLU B 260 3.31 -20.83 22.49
CA GLU B 260 3.25 -22.29 22.58
C GLU B 260 3.33 -22.93 21.21
N ASP B 261 2.18 -23.11 20.55
CA ASP B 261 2.12 -23.78 19.25
C ASP B 261 2.54 -22.79 18.17
N SER B 262 3.86 -22.64 18.02
CA SER B 262 4.43 -21.64 17.13
C SER B 262 5.11 -22.21 15.89
N ASP B 263 5.50 -23.49 15.91
CA ASP B 263 6.29 -24.05 14.82
C ASP B 263 5.49 -24.18 13.52
N LYS B 264 4.17 -24.13 13.59
CA LYS B 264 3.32 -24.19 12.41
C LYS B 264 2.56 -22.87 12.22
N ILE B 265 3.22 -21.77 12.55
CA ILE B 265 2.68 -20.42 12.32
C ILE B 265 3.62 -19.70 11.37
N GLY B 266 3.06 -19.04 10.37
CA GLY B 266 3.82 -18.16 9.52
C GLY B 266 3.26 -16.76 9.58
N CYS B 267 2.23 -16.50 8.77
CA CYS B 267 1.43 -15.29 8.82
C CYS B 267 -0.03 -15.75 8.84
N GLU B 268 -0.54 -16.03 10.03
CA GLU B 268 -1.88 -16.57 10.18
C GLU B 268 -2.89 -15.45 10.41
N VAL B 269 -4.06 -15.59 9.83
CA VAL B 269 -5.15 -14.63 9.98
C VAL B 269 -6.31 -15.34 10.68
N TYR B 270 -6.83 -14.71 11.74
CA TYR B 270 -7.95 -15.24 12.49
C TYR B 270 -9.01 -14.17 12.64
N ASN B 271 -10.26 -14.53 12.34
CA ASN B 271 -11.39 -13.67 12.68
C ASN B 271 -11.55 -13.60 14.20
N LEU B 272 -11.90 -12.42 14.69
CA LEU B 272 -12.31 -12.23 16.08
C LEU B 272 -13.75 -11.71 16.05
N GLY B 273 -14.71 -12.61 16.18
CA GLY B 273 -16.11 -12.26 16.22
C GLY B 273 -16.88 -13.27 17.06
N THR B 274 -18.17 -13.00 17.21
CA THR B 274 -19.04 -13.89 17.98
C THR B 274 -19.71 -14.95 17.11
N GLY B 275 -19.76 -14.75 15.79
CA GLY B 275 -20.47 -15.64 14.90
C GLY B 275 -21.95 -15.37 14.81
N LYS B 276 -22.50 -14.52 15.66
CA LYS B 276 -23.92 -14.16 15.62
C LYS B 276 -24.08 -12.81 14.92
N GLY B 277 -25.17 -12.68 14.15
CA GLY B 277 -25.47 -11.46 13.46
C GLY B 277 -26.69 -10.79 14.07
N THR B 278 -26.55 -9.51 14.39
CA THR B 278 -27.59 -8.74 15.04
C THR B 278 -27.92 -7.51 14.20
N SER B 279 -29.22 -7.22 14.07
CA SER B 279 -29.67 -6.10 13.25
C SER B 279 -29.59 -4.79 14.04
N VAL B 280 -29.84 -3.69 13.33
CA VAL B 280 -29.82 -2.37 13.96
C VAL B 280 -30.93 -2.27 15.01
N LEU B 281 -32.16 -2.61 14.63
CA LEU B 281 -33.29 -2.51 15.56
C LEU B 281 -33.11 -3.44 16.76
N GLU B 282 -32.51 -4.61 16.55
CA GLU B 282 -32.26 -5.51 17.67
C GLU B 282 -31.26 -4.92 18.66
N MET B 283 -30.30 -4.12 18.17
CA MET B 283 -29.37 -3.43 19.08
C MET B 283 -30.05 -2.27 19.78
N VAL B 284 -30.97 -1.58 19.08
CA VAL B 284 -31.73 -0.51 19.71
C VAL B 284 -32.60 -1.07 20.82
N ALA B 285 -33.27 -2.19 20.56
CA ALA B 285 -34.11 -2.80 21.60
C ALA B 285 -33.27 -3.31 22.76
N ALA B 286 -32.08 -3.84 22.47
CA ALA B 286 -31.22 -4.35 23.53
C ALA B 286 -30.70 -3.21 24.41
N PHE B 287 -30.41 -2.06 23.81
CA PHE B 287 -29.88 -0.96 24.60
C PHE B 287 -30.97 -0.26 25.41
N GLU B 288 -32.21 -0.24 24.89
CA GLU B 288 -33.31 0.34 25.64
C GLU B 288 -33.62 -0.46 26.90
N LYS B 289 -33.44 -1.78 26.84
CA LYS B 289 -33.68 -2.61 28.02
C LYS B 289 -32.59 -2.42 29.07
N ALA B 290 -31.34 -2.31 28.64
CA ALA B 290 -30.23 -2.16 29.57
C ALA B 290 -30.12 -0.74 30.13
N SER B 291 -30.72 0.25 29.47
CA SER B 291 -30.61 1.64 29.89
C SER B 291 -31.90 2.23 30.45
N GLY B 292 -33.05 1.65 30.11
CA GLY B 292 -34.32 2.24 30.47
C GLY B 292 -34.72 3.45 29.64
N LYS B 293 -33.80 4.02 28.88
CA LYS B 293 -34.13 5.16 28.03
C LYS B 293 -34.74 4.68 26.72
N LYS B 294 -35.37 5.60 26.01
CA LYS B 294 -35.98 5.32 24.72
C LYS B 294 -35.16 5.94 23.60
N ILE B 295 -35.15 5.27 22.46
CA ILE B 295 -34.37 5.72 21.31
C ILE B 295 -35.34 6.09 20.18
N PRO B 296 -35.69 7.36 20.03
CA PRO B 296 -36.51 7.77 18.88
C PRO B 296 -35.76 7.50 17.58
N LEU B 297 -36.49 6.97 16.60
CA LEU B 297 -35.91 6.53 15.34
C LEU B 297 -36.38 7.40 14.18
N VAL B 298 -35.53 7.51 13.17
CA VAL B 298 -35.88 8.09 11.88
C VAL B 298 -35.37 7.15 10.81
N PHE B 299 -36.28 6.56 10.04
CA PHE B 299 -35.92 5.59 9.03
C PHE B 299 -35.51 6.32 7.75
N ALA B 300 -34.36 5.94 7.20
CA ALA B 300 -33.80 6.60 6.04
C ALA B 300 -33.34 5.55 5.03
N GLY B 301 -32.94 6.02 3.85
CA GLY B 301 -32.41 5.15 2.83
C GLY B 301 -31.08 4.53 3.26
N ARG B 302 -30.58 3.65 2.40
CA ARG B 302 -29.27 2.98 2.67
C ARG B 302 -28.14 4.01 2.64
N ARG B 303 -27.17 3.84 3.54
CA ARG B 303 -25.98 4.72 3.57
C ARG B 303 -24.97 4.18 2.56
N PRO B 304 -24.38 5.04 1.72
CA PRO B 304 -23.37 4.61 0.76
C PRO B 304 -22.17 3.85 1.33
N GLY B 305 -21.84 2.71 0.74
CA GLY B 305 -20.68 1.91 1.16
C GLY B 305 -21.03 0.93 2.27
N ASP B 306 -22.28 0.88 2.69
CA ASP B 306 -22.63 0.03 3.82
C ASP B 306 -22.87 -1.39 3.36
N ALA B 307 -22.22 -2.33 4.01
CA ALA B 307 -22.50 -3.74 3.77
C ALA B 307 -23.91 -4.08 4.26
N GLU B 308 -24.52 -5.06 3.62
CA GLU B 308 -25.86 -5.50 3.99
C GLU B 308 -25.82 -6.32 5.28
N ILE B 309 -25.11 -7.46 5.24
CA ILE B 309 -25.01 -8.34 6.40
C ILE B 309 -23.59 -8.90 6.45
N VAL B 310 -22.96 -8.80 7.62
CA VAL B 310 -21.60 -9.30 7.84
C VAL B 310 -21.53 -9.90 9.22
N TYR B 311 -21.05 -11.13 9.32
CA TYR B 311 -20.67 -11.69 10.61
C TYR B 311 -19.64 -12.78 10.41
N ALA B 312 -18.98 -13.14 11.52
CA ALA B 312 -17.75 -13.93 11.48
C ALA B 312 -18.02 -15.42 11.42
N ALA B 313 -17.14 -16.12 10.71
CA ALA B 313 -17.00 -17.56 10.83
C ALA B 313 -15.94 -17.83 11.90
N THR B 314 -16.37 -18.40 13.03
CA THR B 314 -15.52 -18.53 14.20
C THR B 314 -14.86 -19.91 14.31
N ALA B 315 -15.07 -20.79 13.34
CA ALA B 315 -14.57 -22.16 13.47
C ALA B 315 -13.05 -22.20 13.54
N LYS B 316 -12.38 -21.42 12.70
CA LYS B 316 -10.91 -21.41 12.71
C LYS B 316 -10.36 -20.87 14.03
N ALA B 317 -10.99 -19.82 14.56
CA ALA B 317 -10.51 -19.22 15.80
C ALA B 317 -10.73 -20.14 16.99
N GLU B 318 -11.82 -20.92 17.00
CA GLU B 318 -12.08 -21.80 18.13
C GLU B 318 -11.13 -22.98 18.17
N LYS B 319 -10.68 -23.45 17.00
CA LYS B 319 -9.79 -24.62 16.96
C LYS B 319 -8.35 -24.22 17.24
N GLU B 320 -7.71 -23.53 16.29
CA GLU B 320 -6.28 -23.29 16.39
C GLU B 320 -5.93 -22.22 17.42
N LEU B 321 -6.79 -21.25 17.63
CA LEU B 321 -6.51 -20.19 18.59
C LEU B 321 -7.05 -20.50 19.97
N LYS B 322 -7.91 -21.52 20.11
CA LYS B 322 -8.49 -21.93 21.40
C LYS B 322 -9.19 -20.75 22.10
N TRP B 323 -9.90 -19.95 21.32
CA TRP B 323 -10.62 -18.80 21.85
C TRP B 323 -12.05 -18.78 21.32
N LYS B 324 -12.96 -18.35 22.17
CA LYS B 324 -14.35 -18.11 21.78
C LYS B 324 -14.91 -17.00 22.66
N ALA B 325 -15.70 -16.12 22.05
CA ALA B 325 -16.26 -15.00 22.79
C ALA B 325 -17.11 -15.47 23.97
N LYS B 326 -17.02 -14.73 25.08
CA LYS B 326 -17.78 -15.07 26.29
C LYS B 326 -19.01 -14.20 26.50
N TYR B 327 -19.07 -13.02 25.89
CA TYR B 327 -20.11 -12.05 26.20
C TYR B 327 -21.11 -11.92 25.06
N GLY B 328 -22.36 -11.61 25.43
CA GLY B 328 -23.44 -11.44 24.49
C GLY B 328 -23.89 -9.99 24.39
N ILE B 329 -24.86 -9.79 23.49
CA ILE B 329 -25.33 -8.44 23.19
C ILE B 329 -25.83 -7.76 24.45
N GLU B 330 -26.54 -8.48 25.30
CA GLU B 330 -27.13 -7.88 26.50
C GLU B 330 -26.05 -7.32 27.41
N GLU B 331 -24.97 -8.06 27.62
CA GLU B 331 -23.87 -7.59 28.48
C GLU B 331 -23.11 -6.42 27.83
N MET B 332 -22.96 -6.45 26.50
CA MET B 332 -22.30 -5.33 25.83
C MET B 332 -23.05 -4.03 26.10
N CYS B 333 -24.37 -4.03 25.90
CA CYS B 333 -25.15 -2.83 26.17
C CYS B 333 -25.09 -2.44 27.64
N ARG B 334 -25.03 -3.44 28.53
CA ARG B 334 -24.99 -3.15 29.96
C ARG B 334 -23.70 -2.46 30.34
N ASP B 335 -22.56 -2.97 29.86
CA ASP B 335 -21.28 -2.35 30.19
C ASP B 335 -21.12 -1.01 29.49
N LEU B 336 -21.62 -0.87 28.26
CA LEU B 336 -21.55 0.41 27.58
C LEU B 336 -22.35 1.46 28.32
N TRP B 337 -23.58 1.12 28.71
CA TRP B 337 -24.41 2.04 29.49
C TRP B 337 -23.76 2.35 30.82
N ASN B 338 -23.14 1.35 31.46
CA ASN B 338 -22.50 1.56 32.75
C ASN B 338 -21.35 2.56 32.64
N TRP B 339 -20.51 2.40 31.62
CA TRP B 339 -19.35 3.29 31.47
C TRP B 339 -19.78 4.70 31.08
N ALA B 340 -20.77 4.81 30.18
CA ALA B 340 -21.17 6.11 29.69
C ALA B 340 -22.05 6.87 30.67
N SER B 341 -22.73 6.18 31.58
CA SER B 341 -23.51 6.87 32.61
C SER B 341 -22.60 7.47 33.67
N LYS B 342 -21.61 6.70 34.14
CA LYS B 342 -20.74 7.17 35.20
C LYS B 342 -19.74 8.22 34.70
N ASN B 343 -19.45 8.20 33.40
CA ASN B 343 -18.42 9.11 32.84
C ASN B 343 -19.02 9.72 31.59
N PRO B 344 -20.00 10.64 31.70
CA PRO B 344 -20.71 11.14 30.53
C PRO B 344 -19.84 12.05 29.66
N TYR B 345 -18.85 12.68 30.28
CA TYR B 345 -17.94 13.59 29.54
C TYR B 345 -16.56 12.92 29.43
N GLY B 346 -16.55 11.59 29.32
CA GLY B 346 -15.29 10.86 29.13
C GLY B 346 -14.36 10.94 30.32
N TYR B 347 -13.07 10.81 30.07
CA TYR B 347 -12.06 10.93 31.15
C TYR B 347 -11.79 12.41 31.44
#